data_9LKP
#
_entry.id   9LKP
#
_cell.length_a   99.000
_cell.length_b   180.070
_cell.length_c   134.040
_cell.angle_alpha   90.00
_cell.angle_beta   90.00
_cell.angle_gamma   90.00
#
_symmetry.space_group_name_H-M   'C 2 2 21'
#
loop_
_entity.id
_entity.type
_entity.pdbx_description
1 polymer 'Fructose-6-phosphate aldolase'
2 water water
#
_entity_poly.entity_id   1
_entity_poly.type   'polypeptide(L)'
_entity_poly.pdbx_seq_one_letter_code
;MGSSHHHHHHSSGLVPRGSHSMELYLDTSDVAAVKKLARIFPLAGVTTNPSIVAAGKTPLDELLPALHDALGGKGRLFAQ
VMATTAEGMVEDARKLRAIINDLVVKVPVTVEGLAAIKMLKAEGIPTLGTAVYGAAQGMLSALAGAEYVAPYVNRVDAQG
GDGIQTVIELQQLLTLHAPQSKVLAASFKTPRQALDCLLAGCESITLPLDVAQQFITSPAVDAAIVKFEQDWQGAFGRTS
I
;
_entity_poly.pdbx_strand_id   A,B,C,D,E
#
# COMPACT_ATOMS: atom_id res chain seq x y z
N MET A 22 -15.19 -12.88 -8.07
CA MET A 22 -15.22 -12.67 -9.55
C MET A 22 -16.52 -13.23 -10.10
N GLU A 23 -17.16 -12.43 -10.96
CA GLU A 23 -18.30 -12.87 -11.74
C GLU A 23 -17.91 -12.93 -13.21
N LEU A 24 -17.93 -14.15 -13.77
CA LEU A 24 -17.55 -14.40 -15.15
C LEU A 24 -18.81 -14.60 -15.99
N TYR A 25 -18.99 -13.74 -17.00
CA TYR A 25 -20.15 -13.82 -17.88
C TYR A 25 -19.67 -14.20 -19.29
N LEU A 26 -20.60 -14.76 -20.08
CA LEU A 26 -20.46 -14.82 -21.51
C LEU A 26 -21.30 -13.71 -22.13
N ASP A 27 -20.78 -13.16 -23.23
CA ASP A 27 -21.39 -12.09 -23.98
C ASP A 27 -21.91 -12.65 -25.30
N THR A 28 -23.17 -13.12 -25.31
CA THR A 28 -23.63 -13.99 -26.37
C THR A 28 -25.16 -14.12 -26.37
N SER A 29 -25.72 -14.49 -27.54
CA SER A 29 -27.11 -14.90 -27.66
C SER A 29 -27.19 -16.35 -28.14
N ASP A 30 -26.05 -17.05 -28.11
CA ASP A 30 -25.96 -18.42 -28.62
C ASP A 30 -26.28 -19.38 -27.48
N VAL A 31 -27.54 -19.79 -27.39
CA VAL A 31 -28.03 -20.60 -26.28
C VAL A 31 -27.27 -21.91 -26.18
N ALA A 32 -27.00 -22.56 -27.32
CA ALA A 32 -26.36 -23.88 -27.33
C ALA A 32 -24.92 -23.76 -26.84
N ALA A 33 -24.24 -22.67 -27.21
CA ALA A 33 -22.87 -22.43 -26.77
C ALA A 33 -22.83 -22.18 -25.26
N VAL A 34 -23.86 -21.52 -24.71
CA VAL A 34 -23.90 -21.26 -23.28
C VAL A 34 -24.04 -22.58 -22.52
N LYS A 35 -24.94 -23.45 -22.98
CA LYS A 35 -25.16 -24.74 -22.34
C LYS A 35 -23.85 -25.54 -22.31
N LYS A 36 -23.14 -25.56 -23.45
CA LYS A 36 -21.87 -26.26 -23.56
C LYS A 36 -20.85 -25.69 -22.56
N LEU A 37 -20.70 -24.36 -22.51
CA LEU A 37 -19.61 -23.77 -21.74
C LEU A 37 -19.97 -23.69 -20.26
N ALA A 38 -21.24 -23.82 -19.92
CA ALA A 38 -21.69 -23.70 -18.54
C ALA A 38 -21.13 -24.86 -17.70
N ARG A 39 -20.83 -26.00 -18.34
CA ARG A 39 -20.24 -27.12 -17.62
C ARG A 39 -18.73 -27.04 -17.56
N ILE A 40 -18.14 -26.08 -18.30
CA ILE A 40 -16.69 -25.90 -18.33
C ILE A 40 -16.30 -24.74 -17.41
N PHE A 41 -16.89 -23.56 -17.63
CA PHE A 41 -16.57 -22.39 -16.84
C PHE A 41 -17.48 -22.32 -15.63
N PRO A 42 -17.02 -21.67 -14.54
CA PRO A 42 -17.92 -21.23 -13.48
C PRO A 42 -18.62 -19.91 -13.86
N LEU A 43 -19.73 -20.01 -14.61
CA LEU A 43 -20.39 -18.83 -15.13
C LEU A 43 -21.28 -18.21 -14.07
N ALA A 44 -21.25 -16.87 -14.00
CA ALA A 44 -22.19 -16.11 -13.18
C ALA A 44 -23.48 -15.80 -13.96
N GLY A 45 -23.41 -15.87 -15.30
CA GLY A 45 -24.57 -15.64 -16.16
C GLY A 45 -24.15 -15.21 -17.56
N VAL A 46 -25.05 -14.48 -18.23
CA VAL A 46 -24.88 -14.08 -19.62
C VAL A 46 -25.28 -12.61 -19.76
N THR A 47 -24.45 -11.85 -20.48
CA THR A 47 -24.82 -10.50 -20.89
C THR A 47 -25.22 -10.51 -22.37
N THR A 48 -26.20 -9.66 -22.69
CA THR A 48 -26.55 -9.36 -24.06
C THR A 48 -26.49 -7.85 -24.25
N ASN A 49 -26.40 -7.47 -25.53
CA ASN A 49 -26.64 -6.11 -25.97
C ASN A 49 -27.46 -6.18 -27.26
N PRO A 50 -27.93 -5.03 -27.79
CA PRO A 50 -28.87 -5.08 -28.90
C PRO A 50 -28.30 -5.74 -30.15
N SER A 51 -27.01 -5.53 -30.43
CA SER A 51 -26.38 -6.13 -31.59
C SER A 51 -26.26 -7.64 -31.41
N ILE A 52 -25.88 -8.07 -30.20
CA ILE A 52 -25.76 -9.49 -29.88
C ILE A 52 -27.12 -10.18 -29.99
N VAL A 53 -28.20 -9.54 -29.51
CA VAL A 53 -29.52 -10.13 -29.59
C VAL A 53 -29.92 -10.19 -31.07
N ALA A 54 -29.61 -9.13 -31.81
CA ALA A 54 -29.99 -9.05 -33.21
C ALA A 54 -29.30 -10.17 -34.00
N ALA A 55 -28.03 -10.45 -33.68
CA ALA A 55 -27.26 -11.46 -34.37
C ALA A 55 -27.92 -12.83 -34.32
N GLY A 56 -28.55 -13.15 -33.17
CA GLY A 56 -29.14 -14.47 -32.96
C GLY A 56 -30.59 -14.57 -33.44
N LYS A 57 -31.18 -13.44 -33.84
CA LYS A 57 -32.46 -13.36 -34.53
C LYS A 57 -33.62 -13.87 -33.67
N THR A 58 -33.39 -14.08 -32.37
CA THR A 58 -34.40 -14.59 -31.46
C THR A 58 -34.84 -13.45 -30.55
N PRO A 59 -36.14 -13.13 -30.46
CA PRO A 59 -36.59 -12.04 -29.60
C PRO A 59 -36.30 -12.31 -28.13
N LEU A 60 -36.19 -11.23 -27.36
CA LEU A 60 -35.81 -11.29 -25.96
C LEU A 60 -36.75 -12.19 -25.17
N ASP A 61 -38.05 -12.17 -25.47
CA ASP A 61 -39.01 -12.87 -24.64
C ASP A 61 -38.81 -14.39 -24.78
N GLU A 62 -38.09 -14.80 -25.83
CA GLU A 62 -37.74 -16.19 -26.03
C GLU A 62 -36.30 -16.44 -25.57
N LEU A 63 -35.41 -15.55 -25.99
CA LEU A 63 -33.99 -15.70 -25.79
C LEU A 63 -33.66 -15.76 -24.30
N LEU A 64 -34.23 -14.84 -23.52
CA LEU A 64 -33.77 -14.66 -22.15
C LEU A 64 -34.16 -15.89 -21.32
N PRO A 65 -35.41 -16.40 -21.42
CA PRO A 65 -35.73 -17.64 -20.74
C PRO A 65 -34.88 -18.83 -21.21
N ALA A 66 -34.53 -18.87 -22.50
CA ALA A 66 -33.72 -19.95 -23.03
C ALA A 66 -32.30 -19.88 -22.45
N LEU A 67 -31.75 -18.67 -22.29
CA LEU A 67 -30.45 -18.46 -21.66
C LEU A 67 -30.49 -18.91 -20.20
N HIS A 68 -31.53 -18.48 -19.47
CA HIS A 68 -31.70 -18.83 -18.06
C HIS A 68 -31.68 -20.35 -17.92
N ASP A 69 -32.40 -21.02 -18.81
CA ASP A 69 -32.43 -22.48 -18.85
C ASP A 69 -31.04 -23.07 -19.15
N ALA A 70 -30.35 -22.50 -20.13
CA ALA A 70 -29.09 -23.03 -20.61
C ALA A 70 -28.03 -23.02 -19.51
N LEU A 71 -28.19 -22.07 -18.58
CA LEU A 71 -27.26 -21.87 -17.49
C LEU A 71 -27.53 -22.87 -16.38
N GLY A 72 -28.69 -23.55 -16.47
CA GLY A 72 -29.13 -24.52 -15.46
C GLY A 72 -30.25 -23.97 -14.58
N GLY A 73 -30.98 -22.97 -15.06
CA GLY A 73 -32.09 -22.41 -14.32
C GLY A 73 -31.61 -21.49 -13.19
N LYS A 74 -30.41 -20.94 -13.35
CA LYS A 74 -29.85 -20.02 -12.38
C LYS A 74 -29.04 -18.97 -13.15
N GLY A 75 -28.37 -18.08 -12.41
CA GLY A 75 -27.46 -17.13 -13.02
C GLY A 75 -28.11 -15.76 -13.17
N ARG A 76 -27.31 -14.79 -13.57
CA ARG A 76 -27.74 -13.41 -13.70
C ARG A 76 -27.67 -13.04 -15.16
N LEU A 77 -28.81 -12.57 -15.70
CA LEU A 77 -28.90 -12.11 -17.06
C LEU A 77 -28.90 -10.58 -17.09
N PHE A 78 -28.36 -10.05 -18.19
CA PHE A 78 -28.34 -8.62 -18.47
C PHE A 78 -28.91 -8.38 -19.88
N ALA A 79 -29.81 -7.40 -19.99
CA ALA A 79 -30.31 -6.94 -21.28
C ALA A 79 -30.51 -5.43 -21.26
N GLN A 80 -30.45 -4.84 -22.47
CA GLN A 80 -30.35 -3.40 -22.62
C GLN A 80 -31.69 -2.82 -23.08
N VAL A 81 -31.99 -1.63 -22.55
CA VAL A 81 -33.11 -0.84 -23.03
C VAL A 81 -32.83 -0.32 -24.44
N MET A 82 -33.91 0.07 -25.14
CA MET A 82 -33.81 0.61 -26.50
C MET A 82 -34.34 2.04 -26.61
N ALA A 83 -35.19 2.46 -25.67
CA ALA A 83 -35.80 3.78 -25.65
C ALA A 83 -34.72 4.87 -25.53
N THR A 84 -35.08 6.10 -25.95
CA THR A 84 -34.14 7.21 -25.91
C THR A 84 -34.51 8.28 -24.88
N THR A 85 -35.70 8.20 -24.25
CA THR A 85 -36.05 9.09 -23.16
C THR A 85 -35.96 8.32 -21.85
N ALA A 86 -35.76 9.03 -20.74
CA ALA A 86 -35.62 8.37 -19.45
C ALA A 86 -36.89 7.60 -19.11
N GLU A 87 -38.06 8.20 -19.37
CA GLU A 87 -39.34 7.59 -19.05
C GLU A 87 -39.51 6.32 -19.89
N GLY A 88 -39.11 6.39 -21.16
CA GLY A 88 -39.16 5.24 -22.06
C GLY A 88 -38.26 4.11 -21.58
N MET A 89 -37.08 4.50 -21.08
CA MET A 89 -36.10 3.53 -20.63
C MET A 89 -36.62 2.82 -19.40
N VAL A 90 -37.32 3.56 -18.53
CA VAL A 90 -37.93 2.98 -17.34
C VAL A 90 -39.02 1.98 -17.74
N GLU A 91 -39.82 2.32 -18.75
CA GLU A 91 -40.83 1.40 -19.28
C GLU A 91 -40.16 0.15 -19.86
N ASP A 92 -39.08 0.32 -20.61
CA ASP A 92 -38.34 -0.83 -21.13
C ASP A 92 -37.85 -1.72 -19.98
N ALA A 93 -37.32 -1.09 -18.92
CA ALA A 93 -36.76 -1.81 -17.79
C ALA A 93 -37.84 -2.71 -17.17
N ARG A 94 -39.05 -2.15 -17.03
CA ARG A 94 -40.16 -2.92 -16.49
C ARG A 94 -40.43 -4.12 -17.39
N LYS A 95 -40.48 -3.90 -18.71
CA LYS A 95 -40.77 -4.96 -19.66
C LYS A 95 -39.73 -6.07 -19.55
N LEU A 96 -38.45 -5.69 -19.45
CA LEU A 96 -37.35 -6.65 -19.36
C LEU A 96 -37.46 -7.43 -18.07
N ARG A 97 -37.78 -6.75 -16.96
CA ARG A 97 -37.88 -7.40 -15.65
C ARG A 97 -39.08 -8.37 -15.63
N ALA A 98 -40.11 -8.08 -16.42
CA ALA A 98 -41.25 -8.99 -16.51
C ALA A 98 -40.84 -10.27 -17.22
N ILE A 99 -39.89 -10.16 -18.16
CA ILE A 99 -39.40 -11.35 -18.86
C ILE A 99 -38.54 -12.19 -17.91
N ILE A 100 -37.54 -11.54 -17.30
CA ILE A 100 -36.69 -12.14 -16.26
C ILE A 100 -36.72 -11.29 -15.01
N ASN A 101 -37.33 -11.84 -13.93
CA ASN A 101 -37.70 -11.03 -12.79
C ASN A 101 -36.46 -10.47 -12.08
N ASP A 102 -35.30 -11.15 -12.20
CA ASP A 102 -34.10 -10.76 -11.44
C ASP A 102 -33.02 -10.20 -12.37
N LEU A 103 -33.40 -9.86 -13.59
CA LEU A 103 -32.43 -9.41 -14.58
C LEU A 103 -31.88 -8.06 -14.19
N VAL A 104 -30.65 -7.77 -14.65
CA VAL A 104 -30.07 -6.45 -14.46
C VAL A 104 -30.21 -5.69 -15.77
N VAL A 105 -30.74 -4.47 -15.66
CA VAL A 105 -31.09 -3.68 -16.83
C VAL A 105 -29.89 -2.84 -17.23
N LYS A 106 -29.46 -3.00 -18.48
CA LYS A 106 -28.40 -2.19 -19.05
C LYS A 106 -28.97 -0.91 -19.63
N VAL A 107 -28.38 0.23 -19.23
CA VAL A 107 -28.82 1.55 -19.64
C VAL A 107 -27.61 2.26 -20.21
N PRO A 108 -27.68 2.77 -21.44
CA PRO A 108 -26.54 3.54 -21.96
C PRO A 108 -26.30 4.79 -21.13
N VAL A 109 -25.03 5.09 -20.86
CA VAL A 109 -24.72 6.23 -20.01
C VAL A 109 -24.68 7.49 -20.87
N THR A 110 -25.90 8.02 -21.10
CA THR A 110 -26.14 9.24 -21.82
C THR A 110 -26.85 10.22 -20.87
N VAL A 111 -27.22 11.40 -21.37
CA VAL A 111 -28.02 12.33 -20.58
C VAL A 111 -29.28 11.65 -20.05
N GLU A 112 -30.12 11.12 -20.97
CA GLU A 112 -31.36 10.49 -20.55
C GLU A 112 -31.11 9.18 -19.81
N GLY A 113 -30.04 8.46 -20.17
CA GLY A 113 -29.66 7.23 -19.49
C GLY A 113 -29.34 7.45 -18.02
N LEU A 114 -28.59 8.52 -17.71
CA LEU A 114 -28.30 8.88 -16.32
C LEU A 114 -29.60 9.16 -15.56
N ALA A 115 -30.49 9.95 -16.17
CA ALA A 115 -31.79 10.25 -15.57
C ALA A 115 -32.56 8.96 -15.28
N ALA A 116 -32.53 8.01 -16.22
CA ALA A 116 -33.21 6.74 -16.03
C ALA A 116 -32.58 5.94 -14.89
N ILE A 117 -31.25 5.93 -14.81
CA ILE A 117 -30.57 5.16 -13.79
C ILE A 117 -30.99 5.66 -12.41
N LYS A 118 -31.14 6.99 -12.25
CA LYS A 118 -31.59 7.53 -10.99
C LYS A 118 -33.02 7.06 -10.68
N MET A 119 -33.88 7.08 -11.69
CA MET A 119 -35.27 6.68 -11.51
C MET A 119 -35.35 5.21 -11.12
N LEU A 120 -34.55 4.38 -11.80
CA LEU A 120 -34.55 2.93 -11.56
C LEU A 120 -33.96 2.61 -10.19
N LYS A 121 -33.03 3.43 -9.69
CA LYS A 121 -32.51 3.27 -8.34
C LYS A 121 -33.65 3.43 -7.34
N ALA A 122 -34.42 4.50 -7.52
CA ALA A 122 -35.54 4.78 -6.63
C ALA A 122 -36.58 3.66 -6.68
N GLU A 123 -36.75 3.03 -7.85
CA GLU A 123 -37.76 2.00 -8.04
C GLU A 123 -37.26 0.64 -7.58
N GLY A 124 -35.95 0.49 -7.38
CA GLY A 124 -35.36 -0.73 -6.86
C GLY A 124 -35.06 -1.76 -7.95
N ILE A 125 -34.87 -1.28 -9.18
CA ILE A 125 -34.50 -2.14 -10.30
C ILE A 125 -33.00 -1.98 -10.54
N PRO A 126 -32.20 -3.06 -10.41
CA PRO A 126 -30.76 -2.98 -10.57
C PRO A 126 -30.40 -2.64 -12.01
N THR A 127 -29.34 -1.83 -12.16
CA THR A 127 -28.90 -1.36 -13.46
C THR A 127 -27.40 -1.59 -13.63
N LEU A 128 -27.05 -1.63 -14.91
CA LEU A 128 -25.67 -1.55 -15.37
C LEU A 128 -25.57 -0.34 -16.30
N GLY A 129 -24.56 0.50 -16.08
CA GLY A 129 -24.31 1.62 -16.97
C GLY A 129 -23.42 1.18 -18.13
N THR A 130 -23.98 1.17 -19.34
CA THR A 130 -23.30 0.59 -20.49
C THR A 130 -22.92 1.66 -21.52
N ALA A 131 -22.17 1.21 -22.53
CA ALA A 131 -21.62 2.06 -23.58
C ALA A 131 -20.71 3.12 -22.96
N VAL A 132 -19.84 2.70 -22.05
CA VAL A 132 -18.94 3.60 -21.37
C VAL A 132 -17.63 3.62 -22.14
N TYR A 133 -17.28 4.81 -22.65
CA TYR A 133 -16.05 5.03 -23.38
C TYR A 133 -15.06 5.87 -22.59
N GLY A 134 -15.41 6.29 -21.39
CA GLY A 134 -14.54 7.15 -20.59
C GLY A 134 -14.80 6.93 -19.10
N ALA A 135 -13.77 7.18 -18.28
CA ALA A 135 -13.84 6.79 -16.87
C ALA A 135 -14.86 7.66 -16.12
N ALA A 136 -14.86 8.97 -16.37
CA ALA A 136 -15.73 9.87 -15.63
C ALA A 136 -17.19 9.57 -15.95
N GLN A 137 -17.50 9.35 -17.24
CA GLN A 137 -18.83 8.92 -17.65
C GLN A 137 -19.25 7.68 -16.86
N GLY A 138 -18.34 6.69 -16.78
CA GLY A 138 -18.63 5.45 -16.06
C GLY A 138 -18.89 5.70 -14.58
N MET A 139 -18.02 6.50 -13.94
CA MET A 139 -18.21 6.85 -12.53
C MET A 139 -19.58 7.49 -12.30
N LEU A 140 -19.97 8.42 -13.18
CA LEU A 140 -21.26 9.09 -13.00
C LEU A 140 -22.41 8.09 -12.95
N SER A 141 -22.34 7.03 -13.77
CA SER A 141 -23.41 6.04 -13.78
C SER A 141 -23.48 5.31 -12.44
N ALA A 142 -22.32 5.02 -11.84
CA ALA A 142 -22.29 4.37 -10.54
C ALA A 142 -22.89 5.30 -9.47
N LEU A 143 -22.50 6.57 -9.49
CA LEU A 143 -23.02 7.53 -8.51
C LEU A 143 -24.53 7.70 -8.66
N ALA A 144 -25.07 7.49 -9.88
CA ALA A 144 -26.50 7.62 -10.13
C ALA A 144 -27.26 6.39 -9.63
N GLY A 145 -26.55 5.28 -9.45
CA GLY A 145 -27.12 4.10 -8.83
C GLY A 145 -26.73 2.78 -9.49
N ALA A 146 -26.00 2.82 -10.62
CA ALA A 146 -25.69 1.57 -11.32
C ALA A 146 -24.81 0.69 -10.45
N GLU A 147 -25.16 -0.60 -10.37
CA GLU A 147 -24.41 -1.59 -9.58
C GLU A 147 -23.19 -2.06 -10.37
N TYR A 148 -23.28 -1.98 -11.70
CA TYR A 148 -22.20 -2.35 -12.60
C TYR A 148 -21.97 -1.22 -13.58
N VAL A 149 -20.73 -1.10 -14.05
CA VAL A 149 -20.38 -0.19 -15.12
C VAL A 149 -19.58 -0.97 -16.16
N ALA A 150 -19.99 -0.88 -17.44
CA ALA A 150 -19.40 -1.66 -18.52
C ALA A 150 -18.64 -0.77 -19.49
N PRO A 151 -17.32 -0.60 -19.34
CA PRO A 151 -16.55 0.04 -20.40
C PRO A 151 -16.43 -0.86 -21.63
N TYR A 152 -16.42 -0.25 -22.83
CA TYR A 152 -16.27 -0.97 -24.08
C TYR A 152 -14.79 -0.97 -24.49
N VAL A 153 -14.04 -1.92 -23.90
CA VAL A 153 -12.60 -1.87 -23.94
C VAL A 153 -12.10 -1.85 -25.39
N ASN A 154 -12.51 -2.84 -26.19
CA ASN A 154 -12.00 -2.92 -27.55
C ASN A 154 -12.45 -1.72 -28.38
N ARG A 155 -13.63 -1.17 -28.10
CA ARG A 155 -14.14 -0.07 -28.93
C ARG A 155 -13.26 1.16 -28.69
N VAL A 156 -12.82 1.36 -27.44
CA VAL A 156 -11.91 2.46 -27.14
C VAL A 156 -10.56 2.19 -27.82
N ASP A 157 -10.05 0.95 -27.74
CA ASP A 157 -8.83 0.54 -28.43
C ASP A 157 -8.93 0.79 -29.93
N ALA A 158 -10.07 0.41 -30.53
CA ALA A 158 -10.21 0.40 -31.98
C ALA A 158 -10.26 1.83 -32.52
N GLN A 159 -10.69 2.79 -31.69
CA GLN A 159 -10.94 4.16 -32.14
C GLN A 159 -9.77 5.07 -31.77
N GLY A 160 -8.62 4.47 -31.42
CA GLY A 160 -7.38 5.22 -31.28
C GLY A 160 -7.11 5.70 -29.86
N GLY A 161 -7.88 5.17 -28.90
CA GLY A 161 -7.61 5.44 -27.50
C GLY A 161 -6.85 4.30 -26.83
N ASP A 162 -6.99 4.24 -25.52
CA ASP A 162 -6.32 3.24 -24.69
C ASP A 162 -7.37 2.64 -23.77
N GLY A 163 -7.96 1.53 -24.21
CA GLY A 163 -9.05 0.88 -23.49
C GLY A 163 -8.62 0.46 -22.09
N ILE A 164 -7.43 -0.13 -21.98
CA ILE A 164 -6.97 -0.63 -20.69
C ILE A 164 -6.73 0.53 -19.75
N GLN A 165 -6.17 1.64 -20.25
CA GLN A 165 -5.98 2.80 -19.38
C GLN A 165 -7.34 3.34 -18.91
N THR A 166 -8.36 3.29 -19.78
CA THR A 166 -9.68 3.73 -19.41
C THR A 166 -10.22 2.85 -18.29
N VAL A 167 -10.01 1.54 -18.38
CA VAL A 167 -10.48 0.61 -17.38
C VAL A 167 -9.77 0.85 -16.05
N ILE A 168 -8.46 1.04 -16.09
CA ILE A 168 -7.68 1.33 -14.89
C ILE A 168 -8.21 2.59 -14.21
N GLU A 169 -8.49 3.61 -15.00
CA GLU A 169 -9.01 4.85 -14.45
C GLU A 169 -10.39 4.63 -13.82
N LEU A 170 -11.26 3.94 -14.56
CA LEU A 170 -12.62 3.70 -14.10
C LEU A 170 -12.60 2.91 -12.79
N GLN A 171 -11.79 1.85 -12.77
CA GLN A 171 -11.66 1.04 -11.57
C GLN A 171 -11.17 1.90 -10.40
N GLN A 172 -10.21 2.79 -10.64
CA GLN A 172 -9.72 3.66 -9.59
C GLN A 172 -10.85 4.55 -9.08
N LEU A 173 -11.66 5.09 -9.99
CA LEU A 173 -12.74 5.98 -9.63
C LEU A 173 -13.76 5.24 -8.77
N LEU A 174 -14.10 4.02 -9.16
CA LEU A 174 -15.11 3.27 -8.41
C LEU A 174 -14.56 2.91 -7.04
N THR A 175 -13.29 2.48 -6.98
CA THR A 175 -12.66 2.11 -5.72
C THR A 175 -12.69 3.32 -4.77
N LEU A 176 -12.40 4.51 -5.31
CA LEU A 176 -12.30 5.72 -4.49
C LEU A 176 -13.68 6.24 -4.09
N HIS A 177 -14.63 6.26 -5.04
CA HIS A 177 -15.79 7.14 -4.97
C HIS A 177 -17.12 6.40 -5.01
N ALA A 178 -17.15 5.13 -5.45
CA ALA A 178 -18.39 4.37 -5.51
C ALA A 178 -18.12 2.88 -5.31
N PRO A 179 -17.59 2.47 -4.14
CA PRO A 179 -16.97 1.15 -4.02
C PRO A 179 -17.96 0.00 -4.03
N GLN A 180 -19.25 0.33 -3.89
CA GLN A 180 -20.32 -0.66 -3.98
C GLN A 180 -20.62 -1.05 -5.42
N SER A 181 -20.14 -0.27 -6.39
CA SER A 181 -20.33 -0.57 -7.81
C SER A 181 -19.11 -1.32 -8.34
N LYS A 182 -19.35 -2.15 -9.35
CA LYS A 182 -18.32 -3.01 -9.93
C LYS A 182 -18.08 -2.58 -11.37
N VAL A 183 -16.85 -2.77 -11.85
CA VAL A 183 -16.61 -2.74 -13.28
C VAL A 183 -16.98 -4.11 -13.84
N LEU A 184 -17.81 -4.13 -14.90
CA LEU A 184 -18.04 -5.31 -15.72
C LEU A 184 -17.40 -5.04 -17.09
N ALA A 185 -16.16 -5.47 -17.23
CA ALA A 185 -15.41 -5.15 -18.44
C ALA A 185 -15.99 -5.94 -19.62
N ALA A 186 -16.11 -5.27 -20.77
CA ALA A 186 -16.75 -5.83 -21.94
C ALA A 186 -15.99 -5.38 -23.17
N SER A 187 -16.27 -6.07 -24.29
CA SER A 187 -15.78 -5.71 -25.62
C SER A 187 -14.33 -6.14 -25.76
N PHE A 188 -14.14 -7.35 -26.31
CA PHE A 188 -12.83 -7.96 -26.36
C PHE A 188 -12.60 -8.57 -27.73
N LYS A 189 -11.41 -8.34 -28.28
CA LYS A 189 -10.93 -9.05 -29.44
C LYS A 189 -9.78 -10.01 -29.13
N THR A 190 -9.11 -9.85 -27.97
CA THR A 190 -8.00 -10.76 -27.66
C THR A 190 -7.98 -11.07 -26.16
N PRO A 191 -7.57 -12.29 -25.77
CA PRO A 191 -7.40 -12.64 -24.36
C PRO A 191 -6.56 -11.64 -23.56
N ARG A 192 -5.57 -11.02 -24.21
CA ARG A 192 -4.69 -10.10 -23.50
C ARG A 192 -5.49 -8.92 -22.93
N GLN A 193 -6.48 -8.42 -23.69
CA GLN A 193 -7.30 -7.32 -23.23
C GLN A 193 -8.05 -7.74 -21.96
N ALA A 194 -8.64 -8.92 -22.00
CA ALA A 194 -9.42 -9.39 -20.85
C ALA A 194 -8.51 -9.64 -19.65
N LEU A 195 -7.35 -10.28 -19.88
CA LEU A 195 -6.36 -10.45 -18.82
C LEU A 195 -6.00 -9.11 -18.18
N ASP A 196 -5.69 -8.10 -19.02
CA ASP A 196 -5.28 -6.81 -18.48
C ASP A 196 -6.39 -6.21 -17.61
N CYS A 197 -7.66 -6.39 -18.01
CA CYS A 197 -8.77 -5.87 -17.22
C CYS A 197 -8.85 -6.56 -15.86
N LEU A 198 -8.65 -7.88 -15.84
CA LEU A 198 -8.67 -8.64 -14.60
C LEU A 198 -7.49 -8.23 -13.71
N LEU A 199 -6.33 -7.93 -14.31
CA LEU A 199 -5.18 -7.50 -13.53
C LEU A 199 -5.45 -6.11 -12.92
N ALA A 200 -6.28 -5.32 -13.59
CA ALA A 200 -6.61 -3.96 -13.18
C ALA A 200 -7.59 -3.96 -12.01
N GLY A 201 -8.16 -5.13 -11.71
CA GLY A 201 -8.98 -5.32 -10.52
C GLY A 201 -10.48 -5.38 -10.81
N CYS A 202 -10.89 -5.46 -12.07
CA CYS A 202 -12.31 -5.55 -12.40
C CYS A 202 -12.95 -6.77 -11.74
N GLU A 203 -14.06 -6.55 -11.04
CA GLU A 203 -14.68 -7.61 -10.25
C GLU A 203 -15.69 -8.43 -11.06
N SER A 204 -15.90 -8.03 -12.32
CA SER A 204 -16.72 -8.81 -13.23
C SER A 204 -16.29 -8.57 -14.66
N ILE A 205 -16.55 -9.55 -15.52
CA ILE A 205 -16.12 -9.47 -16.90
C ILE A 205 -17.09 -10.30 -17.75
N THR A 206 -17.27 -9.89 -19.02
CA THR A 206 -18.06 -10.67 -19.95
C THR A 206 -17.27 -10.89 -21.23
N LEU A 207 -17.16 -12.16 -21.62
CA LEU A 207 -16.28 -12.60 -22.68
C LEU A 207 -17.14 -13.02 -23.86
N PRO A 208 -16.74 -12.64 -25.08
CA PRO A 208 -17.28 -13.29 -26.27
C PRO A 208 -16.76 -14.72 -26.35
N LEU A 209 -17.48 -15.56 -27.10
CA LEU A 209 -17.21 -16.99 -27.12
C LEU A 209 -15.78 -17.26 -27.57
N ASP A 210 -15.30 -16.51 -28.56
CA ASP A 210 -14.00 -16.79 -29.16
C ASP A 210 -12.87 -16.56 -28.16
N VAL A 211 -12.90 -15.41 -27.47
CA VAL A 211 -11.89 -15.10 -26.47
C VAL A 211 -11.97 -16.09 -25.33
N ALA A 212 -13.18 -16.39 -24.83
CA ALA A 212 -13.34 -17.33 -23.73
C ALA A 212 -12.65 -18.66 -24.06
N GLN A 213 -12.82 -19.15 -25.29
CA GLN A 213 -12.29 -20.46 -25.67
C GLN A 213 -10.77 -20.39 -25.81
N GLN A 214 -10.25 -19.22 -26.22
CA GLN A 214 -8.81 -19.07 -26.39
C GLN A 214 -8.08 -19.15 -25.05
N PHE A 215 -8.73 -18.75 -23.96
CA PHE A 215 -8.13 -18.85 -22.63
C PHE A 215 -7.79 -20.30 -22.31
N ILE A 216 -8.58 -21.25 -22.83
CA ILE A 216 -8.48 -22.62 -22.36
C ILE A 216 -8.11 -23.55 -23.52
N THR A 217 -7.49 -22.97 -24.54
CA THR A 217 -6.94 -23.65 -25.71
C THR A 217 -5.47 -23.28 -25.79
N SER A 218 -4.58 -24.27 -25.84
CA SER A 218 -3.16 -23.98 -25.82
C SER A 218 -2.37 -25.10 -26.47
N PRO A 219 -1.55 -24.79 -27.50
CA PRO A 219 -0.64 -25.78 -28.04
C PRO A 219 0.35 -26.29 -27.01
N ALA A 220 0.82 -25.39 -26.13
CA ALA A 220 1.80 -25.74 -25.14
C ALA A 220 1.22 -26.73 -24.14
N VAL A 221 -0.03 -26.47 -23.70
CA VAL A 221 -0.69 -27.33 -22.74
C VAL A 221 -0.92 -28.70 -23.38
N ASP A 222 -1.41 -28.72 -24.62
CA ASP A 222 -1.69 -29.96 -25.33
C ASP A 222 -0.42 -30.82 -25.44
N ALA A 223 0.71 -30.18 -25.77
CA ALA A 223 1.98 -30.89 -25.92
C ALA A 223 2.45 -31.47 -24.59
N ALA A 224 2.28 -30.70 -23.51
CA ALA A 224 2.64 -31.18 -22.18
C ALA A 224 1.89 -32.46 -21.85
N ILE A 225 0.61 -32.52 -22.18
CA ILE A 225 -0.20 -33.68 -21.86
C ILE A 225 0.20 -34.88 -22.71
N VAL A 226 0.50 -34.64 -24.00
CA VAL A 226 0.98 -35.68 -24.90
C VAL A 226 2.23 -36.30 -24.30
N LYS A 227 3.16 -35.45 -23.84
CA LYS A 227 4.43 -35.90 -23.31
C LYS A 227 4.21 -36.71 -22.03
N PHE A 228 3.29 -36.27 -21.17
CA PHE A 228 2.98 -37.00 -19.94
C PHE A 228 2.48 -38.41 -20.30
N GLU A 229 1.64 -38.50 -21.33
CA GLU A 229 1.03 -39.76 -21.74
C GLU A 229 2.13 -40.70 -22.25
N GLN A 230 3.03 -40.16 -23.09
CA GLN A 230 4.11 -40.93 -23.69
C GLN A 230 5.01 -41.50 -22.60
N ASP A 231 5.31 -40.68 -21.60
CA ASP A 231 6.23 -41.06 -20.54
C ASP A 231 5.61 -42.15 -19.68
N TRP A 232 4.32 -41.98 -19.38
CA TRP A 232 3.57 -42.95 -18.61
C TRP A 232 3.53 -44.29 -19.34
N GLN A 233 3.20 -44.26 -20.64
CA GLN A 233 3.11 -45.47 -21.45
C GLN A 233 4.45 -46.19 -21.50
N GLY A 234 5.53 -45.43 -21.68
CA GLY A 234 6.88 -45.98 -21.75
C GLY A 234 7.20 -46.84 -20.53
N ALA A 235 6.80 -46.35 -19.35
CA ALA A 235 7.06 -47.03 -18.10
C ALA A 235 6.06 -48.17 -17.85
N PHE A 236 4.78 -47.93 -18.12
CA PHE A 236 3.73 -48.77 -17.54
C PHE A 236 2.86 -49.42 -18.61
N GLY A 237 3.07 -49.07 -19.90
CA GLY A 237 2.40 -49.74 -21.01
C GLY A 237 0.92 -49.37 -21.14
N ARG A 238 0.52 -48.21 -20.61
CA ARG A 238 -0.84 -47.72 -20.81
C ARG A 238 -0.90 -46.24 -20.41
N THR A 239 -1.96 -45.54 -20.80
CA THR A 239 -2.12 -44.12 -20.51
C THR A 239 -3.30 -43.90 -19.56
N SER A 240 -3.67 -44.95 -18.81
CA SER A 240 -4.68 -44.87 -17.76
C SER A 240 -4.00 -44.96 -16.40
N ILE A 241 -4.60 -44.34 -15.37
CA ILE A 241 -4.07 -44.47 -14.02
C ILE A 241 -3.87 -45.96 -13.72
N MET B 22 -18.78 10.49 -2.60
CA MET B 22 -18.47 11.61 -3.54
C MET B 22 -19.61 12.63 -3.48
N GLU B 23 -19.23 13.90 -3.42
CA GLU B 23 -20.18 14.99 -3.56
C GLU B 23 -19.91 15.72 -4.88
N LEU B 24 -20.91 15.71 -5.77
CA LEU B 24 -20.85 16.38 -7.06
C LEU B 24 -21.68 17.66 -7.00
N TYR B 25 -21.01 18.79 -7.23
CA TYR B 25 -21.64 20.10 -7.26
C TYR B 25 -21.57 20.69 -8.66
N LEU B 26 -22.52 21.60 -8.94
CA LEU B 26 -22.39 22.50 -10.07
C LEU B 26 -21.95 23.87 -9.56
N ASP B 27 -21.14 24.54 -10.40
CA ASP B 27 -20.55 25.81 -10.06
C ASP B 27 -21.16 26.88 -10.95
N THR B 28 -22.27 27.48 -10.47
CA THR B 28 -23.18 28.20 -11.35
C THR B 28 -24.13 29.07 -10.52
N SER B 29 -24.73 30.07 -11.17
CA SER B 29 -25.85 30.83 -10.64
C SER B 29 -27.08 30.66 -11.55
N ASP B 30 -26.99 29.71 -12.49
CA ASP B 30 -28.00 29.57 -13.54
C ASP B 30 -29.06 28.60 -13.05
N VAL B 31 -30.11 29.16 -12.45
CA VAL B 31 -31.12 28.39 -11.73
C VAL B 31 -31.79 27.37 -12.65
N ALA B 32 -32.20 27.81 -13.85
CA ALA B 32 -32.88 26.92 -14.79
C ALA B 32 -31.96 25.76 -15.19
N ALA B 33 -30.66 26.02 -15.35
CA ALA B 33 -29.74 24.96 -15.73
C ALA B 33 -29.56 23.95 -14.59
N VAL B 34 -29.59 24.43 -13.35
CA VAL B 34 -29.53 23.54 -12.20
C VAL B 34 -30.76 22.63 -12.20
N LYS B 35 -31.95 23.19 -12.40
CA LYS B 35 -33.14 22.37 -12.39
C LYS B 35 -33.05 21.29 -13.47
N LYS B 36 -32.60 21.69 -14.67
CA LYS B 36 -32.46 20.77 -15.79
C LYS B 36 -31.48 19.65 -15.46
N LEU B 37 -30.34 19.99 -14.86
CA LEU B 37 -29.28 19.03 -14.62
C LEU B 37 -29.49 18.23 -13.33
N ALA B 38 -30.30 18.73 -12.39
CA ALA B 38 -30.58 17.96 -11.17
C ALA B 38 -31.27 16.64 -11.48
N ARG B 39 -32.00 16.59 -12.59
CA ARG B 39 -32.71 15.39 -13.05
C ARG B 39 -31.75 14.33 -13.59
N ILE B 40 -30.57 14.78 -14.03
CA ILE B 40 -29.65 13.96 -14.80
C ILE B 40 -28.52 13.49 -13.88
N PHE B 41 -27.86 14.43 -13.20
CA PHE B 41 -26.73 14.12 -12.34
C PHE B 41 -27.24 13.84 -10.95
N PRO B 42 -26.52 13.05 -10.12
CA PRO B 42 -26.79 12.98 -8.70
C PRO B 42 -26.08 14.10 -7.95
N LEU B 43 -26.72 15.27 -7.91
CA LEU B 43 -26.08 16.47 -7.40
C LEU B 43 -26.13 16.50 -5.87
N ALA B 44 -25.01 16.91 -5.25
CA ALA B 44 -24.96 17.21 -3.83
C ALA B 44 -25.42 18.64 -3.54
N GLY B 45 -25.36 19.51 -4.57
CA GLY B 45 -25.71 20.91 -4.40
C GLY B 45 -25.05 21.79 -5.45
N VAL B 46 -24.91 23.07 -5.09
CA VAL B 46 -24.39 24.10 -5.97
C VAL B 46 -23.40 24.94 -5.17
N THR B 47 -22.31 25.31 -5.84
CA THR B 47 -21.36 26.26 -5.31
C THR B 47 -21.49 27.56 -6.10
N THR B 48 -21.23 28.67 -5.40
CA THR B 48 -21.14 29.97 -6.02
C THR B 48 -19.86 30.66 -5.56
N ASN B 49 -19.44 31.68 -6.32
CA ASN B 49 -18.42 32.60 -5.87
C ASN B 49 -18.87 34.00 -6.30
N PRO B 50 -18.19 35.08 -5.86
CA PRO B 50 -18.67 36.43 -6.14
C PRO B 50 -18.85 36.71 -7.63
N SER B 51 -17.96 36.19 -8.47
CA SER B 51 -18.03 36.40 -9.91
C SER B 51 -19.23 35.66 -10.49
N ILE B 52 -19.41 34.40 -10.08
CA ILE B 52 -20.53 33.59 -10.54
C ILE B 52 -21.86 34.25 -10.17
N VAL B 53 -21.96 34.75 -8.94
CA VAL B 53 -23.18 35.42 -8.49
C VAL B 53 -23.40 36.66 -9.35
N ALA B 54 -22.35 37.47 -9.53
CA ALA B 54 -22.45 38.69 -10.32
C ALA B 54 -22.92 38.37 -11.75
N ALA B 55 -22.36 37.32 -12.35
CA ALA B 55 -22.68 36.96 -13.73
C ALA B 55 -24.17 36.69 -13.89
N GLY B 56 -24.78 36.14 -12.84
CA GLY B 56 -26.20 35.76 -12.88
C GLY B 56 -27.13 36.94 -12.60
N LYS B 57 -26.61 38.01 -12.00
CA LYS B 57 -27.29 39.28 -11.80
C LYS B 57 -28.27 39.27 -10.62
N THR B 58 -28.43 38.11 -9.98
CA THR B 58 -29.45 37.91 -8.97
C THR B 58 -28.77 37.91 -7.60
N PRO B 59 -29.17 38.81 -6.68
CA PRO B 59 -28.56 38.84 -5.36
C PRO B 59 -28.81 37.55 -4.59
N LEU B 60 -27.94 37.27 -3.61
CA LEU B 60 -27.91 35.99 -2.92
C LEU B 60 -29.23 35.70 -2.21
N ASP B 61 -29.90 36.72 -1.67
CA ASP B 61 -31.10 36.48 -0.88
C ASP B 61 -32.23 35.96 -1.77
N GLU B 62 -32.09 36.17 -3.09
CA GLU B 62 -33.02 35.63 -4.08
C GLU B 62 -32.45 34.33 -4.67
N LEU B 63 -31.16 34.35 -5.00
CA LEU B 63 -30.49 33.26 -5.68
C LEU B 63 -30.54 31.98 -4.84
N LEU B 64 -30.14 32.07 -3.58
CA LEU B 64 -29.91 30.85 -2.82
C LEU B 64 -31.19 30.06 -2.63
N PRO B 65 -32.33 30.71 -2.32
CA PRO B 65 -33.61 29.97 -2.27
C PRO B 65 -34.03 29.40 -3.61
N ALA B 66 -33.73 30.12 -4.70
CA ALA B 66 -34.08 29.66 -6.04
C ALA B 66 -33.28 28.42 -6.39
N LEU B 67 -32.01 28.39 -5.98
CA LEU B 67 -31.17 27.23 -6.21
C LEU B 67 -31.69 26.04 -5.41
N HIS B 68 -32.01 26.29 -4.14
CA HIS B 68 -32.55 25.26 -3.26
C HIS B 68 -33.74 24.59 -3.94
N ASP B 69 -34.67 25.39 -4.48
CA ASP B 69 -35.86 24.89 -5.15
C ASP B 69 -35.49 24.11 -6.43
N ALA B 70 -34.55 24.64 -7.20
CA ALA B 70 -34.15 24.00 -8.44
C ALA B 70 -33.56 22.61 -8.17
N LEU B 71 -32.92 22.45 -7.00
CA LEU B 71 -32.28 21.20 -6.64
C LEU B 71 -33.33 20.17 -6.21
N GLY B 72 -34.58 20.65 -6.01
CA GLY B 72 -35.67 19.80 -5.55
C GLY B 72 -35.90 19.96 -4.06
N GLY B 73 -35.60 21.15 -3.53
CA GLY B 73 -35.77 21.47 -2.12
C GLY B 73 -34.84 20.66 -1.23
N LYS B 74 -33.58 20.54 -1.64
CA LYS B 74 -32.58 19.77 -0.91
C LYS B 74 -31.20 20.22 -1.37
N GLY B 75 -30.16 19.54 -0.89
CA GLY B 75 -28.79 19.84 -1.32
C GLY B 75 -28.11 20.89 -0.44
N ARG B 76 -26.81 21.02 -0.68
CA ARG B 76 -25.95 21.89 0.10
C ARG B 76 -25.50 23.03 -0.80
N LEU B 77 -25.58 24.26 -0.29
CA LEU B 77 -25.18 25.44 -1.05
C LEU B 77 -23.94 26.04 -0.39
N PHE B 78 -23.09 26.65 -1.24
CA PHE B 78 -21.90 27.36 -0.80
C PHE B 78 -21.94 28.79 -1.34
N ALA B 79 -21.62 29.74 -0.46
CA ALA B 79 -21.47 31.13 -0.88
C ALA B 79 -20.36 31.78 -0.08
N GLN B 80 -19.75 32.81 -0.68
CA GLN B 80 -18.49 33.38 -0.25
C GLN B 80 -18.70 34.74 0.41
N VAL B 81 -17.99 34.95 1.53
CA VAL B 81 -17.93 36.25 2.19
C VAL B 81 -17.25 37.27 1.27
N MET B 82 -17.48 38.56 1.56
CA MET B 82 -16.94 39.65 0.76
C MET B 82 -16.05 40.56 1.60
N ALA B 83 -16.21 40.55 2.92
CA ALA B 83 -15.45 41.43 3.81
C ALA B 83 -13.96 41.06 3.78
N THR B 84 -13.12 42.01 4.25
CA THR B 84 -11.68 41.86 4.22
C THR B 84 -11.07 41.71 5.62
N THR B 85 -11.88 41.88 6.67
CA THR B 85 -11.41 41.65 8.03
C THR B 85 -12.08 40.40 8.58
N ALA B 86 -11.43 39.73 9.54
CA ALA B 86 -11.98 38.51 10.09
C ALA B 86 -13.34 38.79 10.72
N GLU B 87 -13.46 39.93 11.42
CA GLU B 87 -14.71 40.25 12.09
C GLU B 87 -15.82 40.42 11.05
N GLY B 88 -15.49 41.14 9.97
CA GLY B 88 -16.42 41.37 8.88
C GLY B 88 -16.80 40.07 8.18
N MET B 89 -15.85 39.14 8.07
CA MET B 89 -16.15 37.87 7.44
C MET B 89 -17.09 37.05 8.31
N VAL B 90 -16.91 37.10 9.63
CA VAL B 90 -17.82 36.43 10.54
C VAL B 90 -19.24 37.02 10.42
N GLU B 91 -19.33 38.34 10.25
CA GLU B 91 -20.63 38.99 10.09
C GLU B 91 -21.30 38.52 8.80
N ASP B 92 -20.53 38.41 7.72
CA ASP B 92 -21.03 37.89 6.44
C ASP B 92 -21.53 36.46 6.57
N ALA B 93 -20.75 35.62 7.27
CA ALA B 93 -21.10 34.22 7.45
C ALA B 93 -22.46 34.10 8.12
N ARG B 94 -22.69 34.87 9.19
CA ARG B 94 -23.97 34.82 9.88
C ARG B 94 -25.10 35.24 8.95
N LYS B 95 -24.89 36.33 8.17
CA LYS B 95 -25.86 36.78 7.20
C LYS B 95 -26.20 35.67 6.20
N LEU B 96 -25.14 35.03 5.67
CA LEU B 96 -25.32 33.98 4.67
C LEU B 96 -26.09 32.80 5.27
N ARG B 97 -25.79 32.44 6.53
CA ARG B 97 -26.43 31.31 7.17
C ARG B 97 -27.90 31.63 7.43
N ALA B 98 -28.23 32.90 7.57
CA ALA B 98 -29.60 33.33 7.83
C ALA B 98 -30.44 33.23 6.56
N ILE B 99 -29.80 33.19 5.38
CA ILE B 99 -30.56 33.03 4.15
C ILE B 99 -31.01 31.58 4.02
N ILE B 100 -30.09 30.65 4.28
CA ILE B 100 -30.26 29.25 3.92
C ILE B 100 -29.72 28.37 5.04
N ASN B 101 -30.49 27.32 5.36
CA ASN B 101 -30.10 26.34 6.39
C ASN B 101 -28.83 25.60 5.97
N ASP B 102 -28.89 24.75 4.95
CA ASP B 102 -27.75 23.93 4.59
C ASP B 102 -26.77 24.78 3.76
N LEU B 103 -26.05 25.68 4.44
CA LEU B 103 -25.11 26.56 3.75
C LEU B 103 -23.73 26.49 4.41
N VAL B 104 -22.72 26.29 3.55
CA VAL B 104 -21.32 26.32 3.95
C VAL B 104 -20.72 27.62 3.44
N VAL B 105 -20.03 28.35 4.34
CA VAL B 105 -19.49 29.66 4.02
C VAL B 105 -18.07 29.51 3.49
N LYS B 106 -17.88 30.04 2.26
CA LYS B 106 -16.57 30.08 1.63
C LYS B 106 -15.80 31.29 2.15
N VAL B 107 -14.58 31.04 2.62
CA VAL B 107 -13.71 32.07 3.17
C VAL B 107 -12.39 32.02 2.41
N PRO B 108 -11.91 33.14 1.82
CA PRO B 108 -10.64 33.14 1.13
C PRO B 108 -9.49 32.86 2.09
N VAL B 109 -8.56 31.99 1.68
CA VAL B 109 -7.49 31.59 2.58
C VAL B 109 -6.38 32.63 2.50
N THR B 110 -6.59 33.68 3.29
CA THR B 110 -5.69 34.80 3.50
C THR B 110 -5.38 34.90 4.98
N VAL B 111 -4.61 35.92 5.39
CA VAL B 111 -4.33 36.14 6.80
C VAL B 111 -5.64 36.29 7.57
N GLU B 112 -6.48 37.24 7.14
CA GLU B 112 -7.74 37.48 7.83
C GLU B 112 -8.74 36.35 7.61
N GLY B 113 -8.66 35.68 6.44
CA GLY B 113 -9.51 34.53 6.19
C GLY B 113 -9.24 33.39 7.17
N LEU B 114 -7.97 33.10 7.44
CA LEU B 114 -7.63 32.02 8.37
C LEU B 114 -8.13 32.38 9.77
N ALA B 115 -8.02 33.65 10.14
CA ALA B 115 -8.51 34.11 11.44
C ALA B 115 -10.02 33.89 11.52
N ALA B 116 -10.72 34.20 10.43
CA ALA B 116 -12.16 34.02 10.38
C ALA B 116 -12.55 32.54 10.47
N ILE B 117 -11.81 31.66 9.77
CA ILE B 117 -12.09 30.24 9.79
C ILE B 117 -11.99 29.69 11.20
N LYS B 118 -10.98 30.15 11.97
CA LYS B 118 -10.86 29.73 13.35
C LYS B 118 -12.07 30.19 14.17
N MET B 119 -12.49 31.43 13.98
CA MET B 119 -13.61 31.95 14.76
C MET B 119 -14.90 31.21 14.38
N LEU B 120 -15.06 30.90 13.09
CA LEU B 120 -16.26 30.24 12.64
C LEU B 120 -16.33 28.81 13.15
N LYS B 121 -15.17 28.16 13.31
CA LYS B 121 -15.12 26.82 13.87
C LYS B 121 -15.63 26.87 15.30
N ALA B 122 -15.18 27.88 16.06
CA ALA B 122 -15.57 28.03 17.46
C ALA B 122 -17.07 28.24 17.56
N GLU B 123 -17.65 28.93 16.57
CA GLU B 123 -19.07 29.28 16.56
C GLU B 123 -19.91 28.15 15.98
N GLY B 124 -19.26 27.16 15.36
CA GLY B 124 -19.93 26.00 14.76
C GLY B 124 -20.61 26.32 13.42
N ILE B 125 -20.03 27.25 12.66
CA ILE B 125 -20.49 27.52 11.30
C ILE B 125 -19.54 26.83 10.33
N PRO B 126 -20.01 25.88 9.48
CA PRO B 126 -19.11 25.15 8.60
C PRO B 126 -18.50 26.05 7.54
N THR B 127 -17.23 25.79 7.18
CA THR B 127 -16.55 26.66 6.23
C THR B 127 -15.89 25.83 5.15
N LEU B 128 -15.59 26.53 4.07
CA LEU B 128 -14.74 26.03 3.00
C LEU B 128 -13.66 27.07 2.76
N GLY B 129 -12.41 26.62 2.71
CA GLY B 129 -11.29 27.50 2.43
C GLY B 129 -11.07 27.62 0.93
N THR B 130 -11.28 28.82 0.39
CA THR B 130 -11.31 29.03 -1.05
C THR B 130 -10.17 29.95 -1.49
N ALA B 131 -10.06 30.11 -2.82
CA ALA B 131 -8.97 30.84 -3.46
C ALA B 131 -7.63 30.22 -3.06
N VAL B 132 -7.58 28.89 -3.12
CA VAL B 132 -6.37 28.16 -2.77
C VAL B 132 -5.55 27.88 -4.03
N TYR B 133 -4.33 28.40 -4.04
CA TYR B 133 -3.41 28.28 -5.17
C TYR B 133 -2.18 27.44 -4.83
N GLY B 134 -2.13 26.93 -3.60
CA GLY B 134 -1.03 26.12 -3.13
C GLY B 134 -1.49 25.13 -2.06
N ALA B 135 -0.77 24.00 -1.96
CA ALA B 135 -1.21 22.92 -1.09
C ALA B 135 -1.08 23.30 0.39
N ALA B 136 0.06 23.89 0.77
CA ALA B 136 0.26 24.29 2.16
C ALA B 136 -0.81 25.27 2.63
N GLN B 137 -1.08 26.31 1.81
CA GLN B 137 -2.15 27.27 2.08
C GLN B 137 -3.48 26.53 2.34
N GLY B 138 -3.83 25.59 1.45
CA GLY B 138 -5.02 24.78 1.59
C GLY B 138 -5.03 24.02 2.91
N MET B 139 -3.92 23.33 3.21
CA MET B 139 -3.85 22.50 4.41
C MET B 139 -4.07 23.39 5.64
N LEU B 140 -3.50 24.59 5.64
CA LEU B 140 -3.65 25.49 6.78
C LEU B 140 -5.13 25.79 7.03
N SER B 141 -5.92 25.97 5.96
CA SER B 141 -7.34 26.27 6.15
C SER B 141 -8.06 25.09 6.81
N ALA B 142 -7.70 23.85 6.42
CA ALA B 142 -8.29 22.65 7.03
C ALA B 142 -7.94 22.58 8.51
N LEU B 143 -6.66 22.77 8.83
CA LEU B 143 -6.21 22.73 10.22
C LEU B 143 -6.92 23.81 11.04
N ALA B 144 -7.30 24.93 10.40
CA ALA B 144 -7.96 26.03 11.10
C ALA B 144 -9.44 25.74 11.31
N GLY B 145 -9.98 24.74 10.57
CA GLY B 145 -11.32 24.26 10.85
C GLY B 145 -12.19 24.06 9.59
N ALA B 146 -11.69 24.42 8.39
CA ALA B 146 -12.51 24.29 7.19
C ALA B 146 -12.80 22.82 6.91
N GLU B 147 -14.07 22.51 6.58
CA GLU B 147 -14.54 21.16 6.27
C GLU B 147 -14.16 20.82 4.82
N TYR B 148 -14.02 21.85 4.00
CA TYR B 148 -13.68 21.71 2.60
C TYR B 148 -12.53 22.68 2.29
N VAL B 149 -11.73 22.32 1.28
CA VAL B 149 -10.69 23.20 0.75
C VAL B 149 -10.79 23.18 -0.76
N ALA B 150 -10.90 24.35 -1.40
CA ALA B 150 -11.13 24.41 -2.83
C ALA B 150 -9.92 25.01 -3.53
N PRO B 151 -9.03 24.16 -4.09
CA PRO B 151 -8.00 24.64 -5.01
C PRO B 151 -8.61 25.11 -6.32
N TYR B 152 -8.06 26.20 -6.86
CA TYR B 152 -8.46 26.75 -8.14
C TYR B 152 -7.58 26.14 -9.24
N VAL B 153 -7.97 24.93 -9.66
CA VAL B 153 -7.15 24.09 -10.53
C VAL B 153 -6.77 24.82 -11.80
N ASN B 154 -7.75 25.32 -12.56
CA ASN B 154 -7.43 25.92 -13.85
C ASN B 154 -6.65 27.22 -13.68
N ARG B 155 -6.88 27.95 -12.59
CA ARG B 155 -6.21 29.23 -12.40
C ARG B 155 -4.72 28.98 -12.17
N VAL B 156 -4.40 27.86 -11.50
CA VAL B 156 -3.01 27.49 -11.27
C VAL B 156 -2.36 27.07 -12.59
N ASP B 157 -3.08 26.25 -13.37
CA ASP B 157 -2.69 25.87 -14.72
C ASP B 157 -2.46 27.12 -15.58
N ALA B 158 -3.38 28.09 -15.50
CA ALA B 158 -3.39 29.21 -16.42
C ALA B 158 -2.21 30.15 -16.16
N GLN B 159 -1.68 30.14 -14.93
CA GLN B 159 -0.65 31.09 -14.53
C GLN B 159 0.73 30.43 -14.54
N GLY B 160 0.84 29.27 -15.20
CA GLY B 160 2.14 28.69 -15.49
C GLY B 160 2.57 27.67 -14.44
N GLY B 161 1.64 27.26 -13.58
CA GLY B 161 1.89 26.22 -12.61
C GLY B 161 1.37 24.88 -13.10
N ASP B 162 1.14 24.00 -12.13
CA ASP B 162 0.64 22.65 -12.39
C ASP B 162 -0.51 22.38 -11.42
N GLY B 163 -1.73 22.65 -11.86
CA GLY B 163 -2.88 22.63 -10.97
C GLY B 163 -3.15 21.23 -10.45
N ILE B 164 -2.92 20.22 -11.30
CA ILE B 164 -3.18 18.86 -10.87
C ILE B 164 -2.14 18.43 -9.83
N GLN B 165 -0.87 18.80 -10.02
CA GLN B 165 0.15 18.51 -9.03
C GLN B 165 -0.19 19.18 -7.69
N THR B 166 -0.74 20.41 -7.74
CA THR B 166 -1.15 21.12 -6.53
C THR B 166 -2.26 20.33 -5.83
N VAL B 167 -3.20 19.80 -6.61
CA VAL B 167 -4.30 19.03 -6.05
C VAL B 167 -3.80 17.73 -5.43
N ILE B 168 -2.87 17.06 -6.11
CA ILE B 168 -2.32 15.82 -5.59
C ILE B 168 -1.64 16.10 -4.23
N GLU B 169 -0.85 17.17 -4.17
CA GLU B 169 -0.16 17.54 -2.94
C GLU B 169 -1.17 17.88 -1.85
N LEU B 170 -2.18 18.69 -2.19
CA LEU B 170 -3.16 19.09 -1.19
C LEU B 170 -3.86 17.85 -0.64
N GLN B 171 -4.33 16.98 -1.53
CA GLN B 171 -5.04 15.79 -1.10
C GLN B 171 -4.14 14.94 -0.19
N GLN B 172 -2.86 14.82 -0.53
CA GLN B 172 -1.91 14.10 0.31
C GLN B 172 -1.85 14.74 1.70
N LEU B 173 -1.80 16.07 1.75
CA LEU B 173 -1.68 16.78 3.02
C LEU B 173 -2.93 16.54 3.86
N LEU B 174 -4.11 16.58 3.24
CA LEU B 174 -5.33 16.38 4.00
C LEU B 174 -5.42 14.93 4.48
N THR B 175 -5.05 13.97 3.62
CA THR B 175 -5.11 12.56 4.00
C THR B 175 -4.19 12.31 5.19
N LEU B 176 -3.01 12.91 5.18
CA LEU B 176 -1.98 12.68 6.20
C LEU B 176 -2.32 13.43 7.48
N HIS B 177 -2.79 14.69 7.37
CA HIS B 177 -2.69 15.66 8.44
C HIS B 177 -4.04 16.25 8.87
N ALA B 178 -5.10 16.10 8.04
CA ALA B 178 -6.42 16.65 8.34
C ALA B 178 -7.50 15.81 7.65
N PRO B 179 -7.65 14.52 8.01
CA PRO B 179 -8.42 13.60 7.17
C PRO B 179 -9.93 13.81 7.27
N GLN B 180 -10.37 14.64 8.22
CA GLN B 180 -11.78 15.00 8.36
C GLN B 180 -12.18 16.06 7.33
N SER B 181 -11.19 16.73 6.72
CA SER B 181 -11.44 17.74 5.71
C SER B 181 -11.36 17.12 4.31
N LYS B 182 -12.09 17.71 3.36
CA LYS B 182 -12.20 17.18 2.01
C LYS B 182 -11.64 18.22 1.04
N VAL B 183 -11.03 17.76 -0.05
CA VAL B 183 -10.82 18.65 -1.19
C VAL B 183 -12.15 18.78 -1.94
N LEU B 184 -12.50 20.03 -2.26
CA LEU B 184 -13.55 20.34 -3.22
C LEU B 184 -12.90 21.02 -4.42
N ALA B 185 -12.50 20.20 -5.39
CA ALA B 185 -11.75 20.71 -6.54
C ALA B 185 -12.65 21.62 -7.38
N ALA B 186 -12.10 22.76 -7.81
CA ALA B 186 -12.84 23.78 -8.54
C ALA B 186 -11.98 24.36 -9.66
N SER B 187 -12.64 25.08 -10.57
CA SER B 187 -12.01 25.86 -11.62
C SER B 187 -11.53 24.94 -12.74
N PHE B 188 -12.40 24.73 -13.74
CA PHE B 188 -12.13 23.74 -14.78
C PHE B 188 -12.44 24.30 -16.16
N LYS B 189 -11.53 24.02 -17.12
CA LYS B 189 -11.79 24.33 -18.51
C LYS B 189 -11.93 23.09 -19.37
N THR B 190 -11.50 21.92 -18.88
CA THR B 190 -11.64 20.71 -19.66
C THR B 190 -11.95 19.55 -18.74
N PRO B 191 -12.77 18.58 -19.20
CA PRO B 191 -13.05 17.37 -18.46
C PRO B 191 -11.79 16.70 -17.90
N ARG B 192 -10.67 16.73 -18.64
CA ARG B 192 -9.50 16.00 -18.21
C ARG B 192 -9.01 16.52 -16.85
N GLN B 193 -9.10 17.84 -16.63
CA GLN B 193 -8.65 18.40 -15.37
C GLN B 193 -9.50 17.81 -14.24
N ALA B 194 -10.80 17.76 -14.46
CA ALA B 194 -11.71 17.30 -13.41
C ALA B 194 -11.48 15.80 -13.17
N LEU B 195 -11.32 15.05 -14.26
CA LEU B 195 -11.00 13.63 -14.19
C LEU B 195 -9.75 13.45 -13.33
N ASP B 196 -8.69 14.19 -13.63
CA ASP B 196 -7.43 14.03 -12.93
C ASP B 196 -7.58 14.34 -11.43
N CYS B 197 -8.47 15.27 -11.10
CA CYS B 197 -8.74 15.60 -9.70
C CYS B 197 -9.46 14.44 -9.00
N LEU B 198 -10.41 13.82 -9.70
CA LEU B 198 -11.11 12.67 -9.16
C LEU B 198 -10.15 11.50 -8.98
N LEU B 199 -9.24 11.30 -9.94
CA LEU B 199 -8.28 10.22 -9.85
C LEU B 199 -7.33 10.45 -8.66
N ALA B 200 -7.09 11.72 -8.31
CA ALA B 200 -6.18 12.10 -7.24
C ALA B 200 -6.82 11.83 -5.87
N GLY B 201 -8.14 11.61 -5.87
CA GLY B 201 -8.85 11.17 -4.68
C GLY B 201 -9.72 12.26 -4.05
N CYS B 202 -9.92 13.37 -4.75
CA CYS B 202 -10.77 14.43 -4.20
C CYS B 202 -12.14 13.82 -3.90
N GLU B 203 -12.69 14.14 -2.73
CA GLU B 203 -13.94 13.53 -2.30
C GLU B 203 -15.13 14.41 -2.68
N SER B 204 -14.87 15.60 -3.25
CA SER B 204 -15.91 16.49 -3.72
C SER B 204 -15.36 17.31 -4.87
N ILE B 205 -16.26 17.79 -5.75
CA ILE B 205 -15.84 18.52 -6.93
C ILE B 205 -17.01 19.40 -7.36
N THR B 206 -16.68 20.56 -7.95
CA THR B 206 -17.73 21.42 -8.48
C THR B 206 -17.39 21.76 -9.94
N LEU B 207 -18.37 21.54 -10.82
CA LEU B 207 -18.13 21.60 -12.26
C LEU B 207 -18.87 22.81 -12.81
N PRO B 208 -18.27 23.57 -13.74
CA PRO B 208 -19.03 24.48 -14.56
C PRO B 208 -19.96 23.69 -15.48
N LEU B 209 -20.99 24.35 -16.00
CA LEU B 209 -22.01 23.69 -16.79
C LEU B 209 -21.40 23.05 -18.05
N ASP B 210 -20.43 23.72 -18.68
CA ASP B 210 -19.92 23.28 -19.97
C ASP B 210 -19.16 21.95 -19.80
N VAL B 211 -18.30 21.89 -18.80
CA VAL B 211 -17.52 20.70 -18.52
C VAL B 211 -18.42 19.56 -18.04
N ALA B 212 -19.41 19.87 -17.18
CA ALA B 212 -20.31 18.85 -16.69
C ALA B 212 -21.01 18.17 -17.86
N GLN B 213 -21.41 18.96 -18.85
CA GLN B 213 -22.17 18.40 -19.97
C GLN B 213 -21.25 17.65 -20.91
N GLN B 214 -19.98 18.06 -21.02
CA GLN B 214 -19.04 17.35 -21.88
C GLN B 214 -18.78 15.93 -21.35
N PHE B 215 -18.89 15.74 -20.04
CA PHE B 215 -18.70 14.41 -19.48
C PHE B 215 -19.68 13.41 -20.09
N ILE B 216 -20.90 13.87 -20.38
CA ILE B 216 -21.99 12.95 -20.66
C ILE B 216 -22.52 13.14 -22.07
N THR B 217 -21.73 13.74 -22.96
CA THR B 217 -22.08 13.76 -24.37
C THR B 217 -20.82 13.48 -25.17
N SER B 218 -20.93 12.47 -26.03
CA SER B 218 -19.79 11.84 -26.69
C SER B 218 -20.23 11.41 -28.09
N PRO B 219 -19.49 11.78 -29.16
CA PRO B 219 -19.77 11.20 -30.47
C PRO B 219 -19.61 9.68 -30.52
N ALA B 220 -18.66 9.14 -29.75
CA ALA B 220 -18.44 7.70 -29.77
C ALA B 220 -19.65 6.99 -29.17
N VAL B 221 -20.17 7.52 -28.06
CA VAL B 221 -21.31 6.90 -27.40
C VAL B 221 -22.53 7.00 -28.32
N ASP B 222 -22.76 8.20 -28.86
CA ASP B 222 -23.90 8.41 -29.75
C ASP B 222 -23.87 7.41 -30.90
N ALA B 223 -22.69 7.20 -31.50
CA ALA B 223 -22.54 6.31 -32.63
C ALA B 223 -22.81 4.85 -32.25
N ALA B 224 -22.41 4.46 -31.03
CA ALA B 224 -22.64 3.10 -30.56
C ALA B 224 -24.14 2.84 -30.50
N ILE B 225 -24.89 3.82 -29.99
CA ILE B 225 -26.32 3.65 -29.76
C ILE B 225 -27.06 3.65 -31.10
N VAL B 226 -26.60 4.48 -32.05
CA VAL B 226 -27.12 4.42 -33.41
C VAL B 226 -26.92 3.02 -34.01
N LYS B 227 -25.72 2.43 -33.86
CA LYS B 227 -25.43 1.13 -34.42
C LYS B 227 -26.35 0.07 -33.80
N PHE B 228 -26.50 0.09 -32.47
CA PHE B 228 -27.41 -0.80 -31.77
C PHE B 228 -28.81 -0.74 -32.39
N GLU B 229 -29.30 0.49 -32.62
CA GLU B 229 -30.64 0.73 -33.15
C GLU B 229 -30.77 0.15 -34.56
N GLN B 230 -29.76 0.39 -35.41
CA GLN B 230 -29.75 -0.16 -36.76
C GLN B 230 -29.74 -1.68 -36.75
N ASP B 231 -28.94 -2.30 -35.87
CA ASP B 231 -28.84 -3.75 -35.85
C ASP B 231 -30.17 -4.34 -35.37
N TRP B 232 -30.77 -3.69 -34.38
CA TRP B 232 -32.04 -4.12 -33.82
C TRP B 232 -33.13 -4.05 -34.89
N GLN B 233 -33.20 -2.91 -35.58
CA GLN B 233 -34.13 -2.69 -36.68
C GLN B 233 -33.93 -3.77 -37.75
N GLY B 234 -32.66 -4.07 -38.07
CA GLY B 234 -32.33 -5.08 -39.07
C GLY B 234 -32.95 -6.44 -38.77
N ALA B 235 -32.92 -6.83 -37.49
CA ALA B 235 -33.36 -8.15 -37.07
C ALA B 235 -34.86 -8.19 -36.81
N PHE B 236 -35.42 -7.11 -36.23
CA PHE B 236 -36.73 -7.16 -35.61
C PHE B 236 -37.70 -6.17 -36.26
N GLY B 237 -37.20 -5.25 -37.09
CA GLY B 237 -38.05 -4.37 -37.86
C GLY B 237 -38.75 -3.32 -36.99
N ARG B 238 -38.12 -2.91 -35.89
CA ARG B 238 -38.49 -1.73 -35.12
C ARG B 238 -37.25 -1.30 -34.33
N THR B 239 -37.24 -0.09 -33.75
CA THR B 239 -36.11 0.37 -32.95
C THR B 239 -36.46 0.36 -31.47
N SER B 240 -37.61 -0.22 -31.10
CA SER B 240 -38.05 -0.31 -29.71
C SER B 240 -37.99 -1.75 -29.20
N ILE B 241 -38.04 -1.96 -27.87
CA ILE B 241 -38.02 -3.32 -27.34
C ILE B 241 -39.27 -4.07 -27.84
N MET C 22 -1.76 16.89 13.07
CA MET C 22 -0.61 17.82 12.81
C MET C 22 -0.44 18.76 14.00
N GLU C 23 0.81 18.94 14.39
CA GLU C 23 1.19 19.98 15.34
C GLU C 23 2.02 21.04 14.61
N LEU C 24 1.48 22.27 14.55
CA LEU C 24 2.15 23.38 13.88
C LEU C 24 2.75 24.33 14.92
N TYR C 25 4.08 24.47 14.90
CA TYR C 25 4.79 25.36 15.81
C TYR C 25 5.39 26.53 15.03
N LEU C 26 5.62 27.64 15.75
CA LEU C 26 6.52 28.69 15.33
C LEU C 26 7.86 28.51 16.04
N ASP C 27 8.94 28.86 15.33
CA ASP C 27 10.30 28.70 15.79
C ASP C 27 10.88 30.08 16.05
N THR C 28 10.67 30.60 17.27
CA THR C 28 10.86 32.02 17.51
C THR C 28 10.91 32.27 19.02
N SER C 29 11.51 33.42 19.35
CA SER C 29 11.44 34.02 20.67
C SER C 29 10.72 35.36 20.62
N ASP C 30 10.05 35.67 19.51
CA ASP C 30 9.46 36.98 19.30
C ASP C 30 8.03 36.97 19.83
N VAL C 31 7.83 37.43 21.08
CA VAL C 31 6.58 37.22 21.78
C VAL C 31 5.45 37.93 21.04
N ALA C 32 5.70 39.16 20.60
CA ALA C 32 4.67 39.96 19.96
C ALA C 32 4.24 39.29 18.67
N ALA C 33 5.22 38.72 17.97
CA ALA C 33 4.94 38.06 16.70
C ALA C 33 4.08 36.81 16.95
N VAL C 34 4.35 36.08 18.03
CA VAL C 34 3.54 34.92 18.37
C VAL C 34 2.11 35.35 18.69
N LYS C 35 1.94 36.43 19.46
CA LYS C 35 0.62 36.92 19.81
C LYS C 35 -0.18 37.21 18.53
N LYS C 36 0.47 37.88 17.57
CA LYS C 36 -0.18 38.28 16.33
C LYS C 36 -0.61 37.04 15.54
N LEU C 37 0.29 36.06 15.40
CA LEU C 37 0.05 34.94 14.51
C LEU C 37 -0.81 33.86 15.18
N ALA C 38 -0.95 33.91 16.51
CA ALA C 38 -1.73 32.90 17.21
C ALA C 38 -3.21 32.98 16.84
N ARG C 39 -3.66 34.16 16.37
CA ARG C 39 -5.07 34.31 16.01
C ARG C 39 -5.28 33.98 14.53
N ILE C 40 -4.17 33.78 13.80
CA ILE C 40 -4.19 33.46 12.38
C ILE C 40 -4.06 31.94 12.21
N PHE C 41 -2.92 31.39 12.65
CA PHE C 41 -2.64 29.97 12.47
C PHE C 41 -3.23 29.18 13.63
N PRO C 42 -3.59 27.88 13.41
CA PRO C 42 -3.87 26.98 14.52
C PRO C 42 -2.59 26.40 15.14
N LEU C 43 -1.97 27.17 16.03
CA LEU C 43 -0.67 26.80 16.56
C LEU C 43 -0.84 25.74 17.64
N ALA C 44 0.12 24.81 17.68
CA ALA C 44 0.22 23.87 18.79
C ALA C 44 1.11 24.44 19.89
N GLY C 45 1.93 25.43 19.52
CA GLY C 45 2.84 26.09 20.44
C GLY C 45 4.03 26.74 19.74
N VAL C 46 5.14 26.84 20.49
CA VAL C 46 6.36 27.49 20.02
C VAL C 46 7.57 26.63 20.37
N THR C 47 8.53 26.55 19.44
CA THR C 47 9.81 25.92 19.70
C THR C 47 10.84 27.04 19.86
N THR C 48 11.84 26.78 20.72
CA THR C 48 13.02 27.61 20.82
C THR C 48 14.26 26.72 20.71
N ASN C 49 15.38 27.38 20.40
CA ASN C 49 16.70 26.79 20.55
C ASN C 49 17.61 27.84 21.15
N PRO C 50 18.86 27.50 21.47
CA PRO C 50 19.71 28.44 22.19
C PRO C 50 19.95 29.73 21.43
N SER C 51 20.16 29.63 20.11
CA SER C 51 20.39 30.80 19.28
C SER C 51 19.14 31.69 19.23
N ILE C 52 17.98 31.06 19.08
CA ILE C 52 16.72 31.80 19.01
C ILE C 52 16.46 32.50 20.34
N VAL C 53 16.76 31.83 21.45
CA VAL C 53 16.60 32.46 22.75
C VAL C 53 17.57 33.64 22.86
N ALA C 54 18.83 33.42 22.48
CA ALA C 54 19.83 34.47 22.55
C ALA C 54 19.39 35.71 21.77
N ALA C 55 18.83 35.50 20.57
CA ALA C 55 18.46 36.61 19.71
C ALA C 55 17.41 37.48 20.38
N GLY C 56 16.56 36.87 21.22
CA GLY C 56 15.52 37.59 21.94
C GLY C 56 16.03 38.28 23.20
N LYS C 57 17.20 37.87 23.69
CA LYS C 57 17.86 38.48 24.85
C LYS C 57 16.99 38.41 26.11
N THR C 58 15.99 37.52 26.14
CA THR C 58 15.16 37.31 27.32
C THR C 58 15.44 35.92 27.87
N PRO C 59 15.82 35.78 29.16
CA PRO C 59 16.00 34.46 29.75
C PRO C 59 14.71 33.63 29.72
N LEU C 60 14.88 32.30 29.73
CA LEU C 60 13.79 31.35 29.56
C LEU C 60 12.74 31.49 30.66
N ASP C 61 13.15 31.83 31.88
CA ASP C 61 12.22 31.87 33.00
C ASP C 61 11.22 33.03 32.83
N GLU C 62 11.56 34.00 31.98
CA GLU C 62 10.62 35.04 31.56
C GLU C 62 9.99 34.69 30.22
N LEU C 63 10.79 34.15 29.28
CA LEU C 63 10.32 33.97 27.91
C LEU C 63 9.19 32.94 27.85
N LEU C 64 9.34 31.82 28.58
CA LEU C 64 8.43 30.71 28.44
C LEU C 64 7.03 31.10 28.93
N PRO C 65 6.87 31.75 30.11
CA PRO C 65 5.55 32.25 30.48
C PRO C 65 4.96 33.27 29.51
N ALA C 66 5.82 34.15 28.97
CA ALA C 66 5.40 35.15 28.01
C ALA C 66 4.86 34.48 26.75
N LEU C 67 5.55 33.44 26.26
CA LEU C 67 5.09 32.73 25.08
C LEU C 67 3.76 32.03 25.38
N HIS C 68 3.68 31.39 26.55
CA HIS C 68 2.46 30.73 26.99
C HIS C 68 1.28 31.71 26.88
N ASP C 69 1.48 32.94 27.35
CA ASP C 69 0.42 33.95 27.36
C ASP C 69 0.11 34.41 25.94
N ALA C 70 1.15 34.58 25.11
CA ALA C 70 0.98 35.00 23.72
C ALA C 70 0.15 33.97 22.95
N LEU C 71 0.24 32.70 23.33
CA LEU C 71 -0.50 31.65 22.67
C LEU C 71 -1.96 31.62 23.13
N GLY C 72 -2.29 32.39 24.16
CA GLY C 72 -3.62 32.38 24.75
C GLY C 72 -3.70 31.59 26.06
N GLY C 73 -2.55 31.39 26.72
CA GLY C 73 -2.49 30.61 27.94
C GLY C 73 -2.75 29.12 27.68
N LYS C 74 -2.11 28.60 26.64
CA LYS C 74 -2.25 27.20 26.25
C LYS C 74 -1.04 26.84 25.39
N GLY C 75 -1.05 25.60 24.86
CA GLY C 75 -0.05 25.16 23.90
C GLY C 75 1.16 24.51 24.57
N ARG C 76 2.06 23.99 23.72
CA ARG C 76 3.21 23.22 24.13
C ARG C 76 4.46 23.99 23.73
N LEU C 77 5.40 24.13 24.66
CA LEU C 77 6.65 24.84 24.42
C LEU C 77 7.81 23.86 24.44
N PHE C 78 8.86 24.20 23.67
CA PHE C 78 10.07 23.41 23.60
C PHE C 78 11.27 24.29 23.93
N ALA C 79 12.18 23.77 24.76
CA ALA C 79 13.41 24.46 25.07
C ALA C 79 14.53 23.43 25.25
N GLN C 80 15.75 23.88 24.97
CA GLN C 80 16.89 22.99 24.83
C GLN C 80 17.80 23.08 26.04
N VAL C 81 18.31 21.92 26.48
CA VAL C 81 19.34 21.87 27.51
C VAL C 81 20.63 22.51 26.98
N MET C 82 21.49 22.95 27.91
CA MET C 82 22.74 23.59 27.54
C MET C 82 23.94 22.81 28.09
N ALA C 83 23.72 21.90 29.04
CA ALA C 83 24.80 21.11 29.63
C ALA C 83 25.41 20.16 28.60
N THR C 84 26.63 19.66 28.85
CA THR C 84 27.29 18.76 27.92
C THR C 84 27.51 17.36 28.50
N THR C 85 27.19 17.16 29.77
CA THR C 85 27.15 15.82 30.35
C THR C 85 25.71 15.40 30.51
N ALA C 86 25.43 14.08 30.47
CA ALA C 86 24.07 13.59 30.63
C ALA C 86 23.47 14.07 31.96
N GLU C 87 24.26 13.97 33.03
CA GLU C 87 23.78 14.32 34.37
C GLU C 87 23.42 15.81 34.39
N GLY C 88 24.26 16.63 33.74
CA GLY C 88 24.00 18.06 33.62
C GLY C 88 22.72 18.33 32.83
N MET C 89 22.50 17.53 31.79
CA MET C 89 21.35 17.73 30.92
C MET C 89 20.05 17.38 31.65
N VAL C 90 20.09 16.34 32.49
CA VAL C 90 18.92 15.95 33.28
C VAL C 90 18.57 17.08 34.24
N GLU C 91 19.60 17.73 34.79
CA GLU C 91 19.39 18.83 35.74
C GLU C 91 18.72 19.99 35.00
N ASP C 92 19.21 20.27 33.78
CA ASP C 92 18.63 21.31 32.93
C ASP C 92 17.17 20.99 32.67
N ALA C 93 16.90 19.73 32.33
CA ALA C 93 15.56 19.28 32.00
C ALA C 93 14.60 19.60 33.15
N ARG C 94 14.96 19.18 34.37
CA ARG C 94 14.07 19.36 35.50
C ARG C 94 13.77 20.84 35.70
N LYS C 95 14.81 21.67 35.53
CA LYS C 95 14.69 23.10 35.68
C LYS C 95 13.70 23.67 34.66
N LEU C 96 13.81 23.22 33.42
CA LEU C 96 12.95 23.74 32.37
C LEU C 96 11.50 23.36 32.64
N ARG C 97 11.28 22.11 33.04
CA ARG C 97 9.96 21.55 33.28
C ARG C 97 9.24 22.36 34.36
N ALA C 98 10.02 22.90 35.30
CA ALA C 98 9.44 23.57 36.45
C ALA C 98 8.96 24.97 36.07
N ILE C 99 9.43 25.51 34.93
CA ILE C 99 9.10 26.87 34.52
C ILE C 99 7.67 26.92 33.98
N ILE C 100 7.26 25.88 33.27
CA ILE C 100 5.96 25.89 32.61
C ILE C 100 5.53 24.44 32.39
N ASN C 101 4.22 24.16 32.48
CA ASN C 101 3.74 22.77 32.52
C ASN C 101 4.08 22.03 31.22
N ASP C 102 3.49 22.47 30.11
CA ASP C 102 3.52 21.72 28.85
C ASP C 102 4.82 22.06 28.13
N LEU C 103 5.90 21.41 28.56
CA LEU C 103 7.26 21.74 28.13
C LEU C 103 7.97 20.45 27.76
N VAL C 104 8.42 20.38 26.51
CA VAL C 104 9.19 19.23 26.05
C VAL C 104 10.65 19.68 25.96
N VAL C 105 11.56 18.87 26.51
CA VAL C 105 12.96 19.23 26.63
C VAL C 105 13.71 18.76 25.39
N LYS C 106 14.37 19.70 24.71
CA LYS C 106 15.19 19.40 23.55
C LYS C 106 16.60 19.02 24.00
N VAL C 107 17.06 17.85 23.53
CA VAL C 107 18.35 17.29 23.91
C VAL C 107 19.12 17.02 22.62
N PRO C 108 20.34 17.59 22.43
CA PRO C 108 21.09 17.31 21.21
C PRO C 108 21.45 15.82 21.13
N VAL C 109 21.30 15.24 19.95
CA VAL C 109 21.52 13.80 19.83
C VAL C 109 23.01 13.57 19.60
N THR C 110 23.73 13.60 20.72
CA THR C 110 25.16 13.35 20.82
C THR C 110 25.33 12.12 21.71
N VAL C 111 26.58 11.74 22.01
CA VAL C 111 26.85 10.64 22.92
C VAL C 111 26.18 10.90 24.29
N GLU C 112 26.47 12.06 24.89
CA GLU C 112 25.89 12.38 26.18
C GLU C 112 24.39 12.65 26.06
N GLY C 113 23.95 13.23 24.95
CA GLY C 113 22.54 13.51 24.73
C GLY C 113 21.71 12.23 24.73
N LEU C 114 22.20 11.19 24.06
CA LEU C 114 21.47 9.93 24.04
C LEU C 114 21.36 9.36 25.46
N ALA C 115 22.46 9.43 26.21
CA ALA C 115 22.47 8.94 27.58
C ALA C 115 21.42 9.69 28.39
N ALA C 116 21.36 11.02 28.20
CA ALA C 116 20.39 11.85 28.92
C ALA C 116 18.95 11.49 28.50
N ILE C 117 18.72 11.24 27.21
CA ILE C 117 17.38 10.89 26.74
C ILE C 117 16.91 9.59 27.41
N LYS C 118 17.80 8.61 27.61
CA LYS C 118 17.40 7.38 28.29
C LYS C 118 16.96 7.69 29.72
N MET C 119 17.78 8.48 30.42
CA MET C 119 17.55 8.82 31.81
C MET C 119 16.23 9.58 31.95
N LEU C 120 15.92 10.44 30.96
CA LEU C 120 14.74 11.28 31.03
C LEU C 120 13.49 10.46 30.74
N LYS C 121 13.63 9.39 29.93
CA LYS C 121 12.56 8.44 29.69
C LYS C 121 12.19 7.75 31.01
N ALA C 122 13.21 7.42 31.78
CA ALA C 122 12.98 6.64 33.00
C ALA C 122 12.36 7.54 34.07
N GLU C 123 12.61 8.85 33.98
CA GLU C 123 12.04 9.83 34.90
C GLU C 123 10.65 10.28 34.46
N GLY C 124 10.31 10.09 33.18
CA GLY C 124 9.00 10.46 32.66
C GLY C 124 8.94 11.93 32.24
N ILE C 125 10.10 12.47 31.84
CA ILE C 125 10.16 13.81 31.29
C ILE C 125 10.21 13.70 29.77
N PRO C 126 9.22 14.28 29.05
CA PRO C 126 9.20 14.19 27.58
C PRO C 126 10.36 14.91 26.92
N THR C 127 10.94 14.28 25.89
CA THR C 127 12.09 14.86 25.21
C THR C 127 11.88 14.90 23.71
N LEU C 128 12.68 15.78 23.09
CA LEU C 128 12.84 15.87 21.65
C LEU C 128 14.32 15.76 21.37
N GLY C 129 14.68 14.91 20.41
CA GLY C 129 16.08 14.77 20.02
C GLY C 129 16.43 15.74 18.89
N THR C 130 17.29 16.71 19.19
CA THR C 130 17.51 17.84 18.30
C THR C 130 18.90 17.76 17.69
N ALA C 131 19.20 18.72 16.80
CA ALA C 131 20.46 18.76 16.07
C ALA C 131 20.67 17.46 15.31
N VAL C 132 19.62 17.01 14.63
CA VAL C 132 19.69 15.77 13.87
C VAL C 132 20.03 16.14 12.43
N TYR C 133 21.10 15.52 11.94
CA TYR C 133 21.62 15.73 10.60
C TYR C 133 21.64 14.45 9.79
N GLY C 134 21.18 13.34 10.38
CA GLY C 134 21.06 12.08 9.68
C GLY C 134 19.98 11.19 10.29
N ALA C 135 19.44 10.29 9.46
CA ALA C 135 18.26 9.53 9.82
C ALA C 135 18.55 8.57 10.97
N ALA C 136 19.69 7.86 10.90
CA ALA C 136 20.01 6.85 11.90
C ALA C 136 20.21 7.50 13.27
N GLN C 137 20.93 8.63 13.31
CA GLN C 137 21.07 9.45 14.51
C GLN C 137 19.71 9.80 15.09
N GLY C 138 18.79 10.24 14.22
CA GLY C 138 17.45 10.59 14.64
C GLY C 138 16.71 9.40 15.24
N MET C 139 16.75 8.27 14.53
CA MET C 139 16.09 7.05 15.00
C MET C 139 16.59 6.66 16.39
N LEU C 140 17.91 6.69 16.60
CA LEU C 140 18.48 6.31 17.88
C LEU C 140 17.88 7.12 19.02
N SER C 141 17.63 8.42 18.78
CA SER C 141 17.07 9.28 19.82
C SER C 141 15.64 8.84 20.18
N ALA C 142 14.88 8.41 19.16
CA ALA C 142 13.53 7.91 19.38
C ALA C 142 13.57 6.58 20.16
N LEU C 143 14.49 5.69 19.80
CA LEU C 143 14.63 4.41 20.48
C LEU C 143 15.02 4.62 21.94
N ALA C 144 15.78 5.68 22.22
CA ALA C 144 16.23 5.99 23.57
C ALA C 144 15.11 6.60 24.41
N GLY C 145 14.07 7.13 23.73
CA GLY C 145 12.84 7.54 24.41
C GLY C 145 12.27 8.88 23.93
N ALA C 146 12.93 9.58 23.01
CA ALA C 146 12.42 10.87 22.54
C ALA C 146 11.07 10.71 21.85
N GLU C 147 10.11 11.59 22.21
CA GLU C 147 8.77 11.65 21.64
C GLU C 147 8.81 12.33 20.27
N TYR C 148 9.77 13.26 20.09
CA TYR C 148 9.96 13.98 18.84
C TYR C 148 11.41 13.83 18.40
N VAL C 149 11.65 13.95 17.09
CA VAL C 149 12.99 14.01 16.55
C VAL C 149 13.02 15.15 15.53
N ALA C 150 13.94 16.11 15.69
CA ALA C 150 13.96 17.31 14.87
C ALA C 150 15.17 17.31 13.95
N PRO C 151 15.03 16.86 12.69
CA PRO C 151 16.06 17.07 11.69
C PRO C 151 16.19 18.55 11.32
N TYR C 152 17.42 19.01 11.09
CA TYR C 152 17.72 20.37 10.70
C TYR C 152 17.81 20.42 9.18
N VAL C 153 16.63 20.53 8.54
CA VAL C 153 16.46 20.34 7.12
C VAL C 153 17.38 21.30 6.35
N ASN C 154 17.28 22.61 6.64
CA ASN C 154 18.00 23.54 5.79
C ASN C 154 19.50 23.42 6.05
N ARG C 155 19.89 23.06 7.27
CA ARG C 155 21.32 22.95 7.57
C ARG C 155 21.91 21.79 6.75
N VAL C 156 21.16 20.69 6.60
CA VAL C 156 21.63 19.57 5.79
C VAL C 156 21.72 20.02 4.34
N ASP C 157 20.69 20.76 3.86
CA ASP C 157 20.71 21.30 2.51
C ASP C 157 21.91 22.22 2.32
N ALA C 158 22.17 23.08 3.29
CA ALA C 158 23.15 24.14 3.13
C ALA C 158 24.57 23.59 3.08
N GLN C 159 24.79 22.42 3.70
CA GLN C 159 26.14 21.86 3.80
C GLN C 159 26.35 20.79 2.74
N GLY C 160 25.52 20.80 1.69
CA GLY C 160 25.79 20.01 0.51
C GLY C 160 25.15 18.62 0.55
N GLY C 161 24.18 18.44 1.45
CA GLY C 161 23.45 17.18 1.53
C GLY C 161 22.04 17.34 0.96
N ASP C 162 21.16 16.41 1.32
CA ASP C 162 19.80 16.41 0.82
C ASP C 162 18.85 16.35 2.00
N GLY C 163 18.46 17.53 2.52
CA GLY C 163 17.66 17.58 3.72
C GLY C 163 16.36 16.81 3.59
N ILE C 164 15.64 17.00 2.48
CA ILE C 164 14.35 16.36 2.34
C ILE C 164 14.54 14.83 2.30
N GLN C 165 15.58 14.33 1.62
CA GLN C 165 15.81 12.89 1.61
C GLN C 165 16.09 12.40 3.04
N THR C 166 16.78 13.23 3.84
CA THR C 166 17.11 12.87 5.21
C THR C 166 15.80 12.72 6.01
N VAL C 167 14.86 13.64 5.76
CA VAL C 167 13.57 13.61 6.43
C VAL C 167 12.76 12.38 6.01
N ILE C 168 12.73 12.10 4.70
CA ILE C 168 12.03 10.93 4.20
C ILE C 168 12.57 9.66 4.88
N GLU C 169 13.89 9.54 4.99
CA GLU C 169 14.48 8.35 5.59
C GLU C 169 14.18 8.30 7.09
N LEU C 170 14.29 9.44 7.78
CA LEU C 170 13.98 9.50 9.21
C LEU C 170 12.52 9.07 9.44
N GLN C 171 11.60 9.66 8.66
CA GLN C 171 10.19 9.33 8.82
C GLN C 171 9.98 7.83 8.60
N GLN C 172 10.62 7.27 7.57
CA GLN C 172 10.53 5.85 7.30
C GLN C 172 11.02 5.05 8.51
N LEU C 173 12.14 5.46 9.11
CA LEU C 173 12.70 4.72 10.24
C LEU C 173 11.74 4.77 11.42
N LEU C 174 11.11 5.93 11.67
CA LEU C 174 10.21 6.03 12.82
C LEU C 174 8.96 5.20 12.58
N THR C 175 8.42 5.23 11.36
CA THR C 175 7.21 4.49 11.04
C THR C 175 7.46 3.00 11.23
N LEU C 176 8.63 2.53 10.80
CA LEU C 176 8.99 1.12 10.90
C LEU C 176 9.31 0.73 12.34
N HIS C 177 10.11 1.56 13.04
CA HIS C 177 10.87 1.09 14.18
C HIS C 177 10.53 1.79 15.49
N ALA C 178 9.88 2.96 15.43
CA ALA C 178 9.55 3.71 16.63
C ALA C 178 8.27 4.52 16.44
N PRO C 179 7.13 3.89 16.08
CA PRO C 179 5.98 4.63 15.57
C PRO C 179 5.34 5.56 16.60
N GLN C 180 5.73 5.45 17.88
CA GLN C 180 5.23 6.33 18.92
C GLN C 180 5.91 7.70 18.87
N SER C 181 7.02 7.78 18.10
CA SER C 181 7.78 9.02 17.97
C SER C 181 7.39 9.77 16.71
N LYS C 182 7.49 11.10 16.76
CA LYS C 182 7.11 11.97 15.65
C LYS C 182 8.35 12.68 15.13
N VAL C 183 8.36 12.95 13.83
CA VAL C 183 9.29 13.93 13.29
C VAL C 183 8.72 15.32 13.55
N LEU C 184 9.60 16.21 14.07
CA LEU C 184 9.33 17.62 14.16
C LEU C 184 10.33 18.34 13.26
N ALA C 185 9.91 18.51 12.00
CA ALA C 185 10.83 19.08 11.01
C ALA C 185 11.08 20.54 11.34
N ALA C 186 12.36 20.93 11.25
CA ALA C 186 12.81 22.27 11.60
C ALA C 186 13.86 22.74 10.59
N SER C 187 14.16 24.05 10.65
CA SER C 187 15.25 24.69 9.91
C SER C 187 14.84 24.88 8.46
N PHE C 188 14.28 26.05 8.14
CA PHE C 188 13.68 26.28 6.84
C PHE C 188 14.09 27.66 6.32
N LYS C 189 14.42 27.70 5.02
CA LYS C 189 14.63 28.97 4.33
C LYS C 189 13.56 29.23 3.28
N THR C 190 12.83 28.19 2.86
CA THR C 190 11.80 28.37 1.85
C THR C 190 10.58 27.51 2.16
N PRO C 191 9.37 28.00 1.83
CA PRO C 191 8.15 27.21 1.93
C PRO C 191 8.23 25.83 1.31
N ARG C 192 8.99 25.69 0.22
CA ARG C 192 9.02 24.42 -0.47
C ARG C 192 9.63 23.32 0.42
N GLN C 193 10.62 23.68 1.25
CA GLN C 193 11.24 22.73 2.15
C GLN C 193 10.21 22.23 3.15
N ALA C 194 9.44 23.16 3.71
CA ALA C 194 8.45 22.82 4.72
C ALA C 194 7.34 21.97 4.10
N LEU C 195 6.89 22.35 2.90
CA LEU C 195 5.88 21.59 2.19
C LEU C 195 6.36 20.16 1.96
N ASP C 196 7.60 20.03 1.50
CA ASP C 196 8.13 18.71 1.19
C ASP C 196 8.21 17.84 2.44
N CYS C 197 8.51 18.44 3.59
CA CYS C 197 8.49 17.72 4.84
C CYS C 197 7.08 17.24 5.18
N LEU C 198 6.09 18.11 4.98
CA LEU C 198 4.71 17.75 5.27
C LEU C 198 4.24 16.63 4.35
N LEU C 199 4.66 16.68 3.08
CA LEU C 199 4.31 15.63 2.12
C LEU C 199 4.96 14.30 2.49
N ALA C 200 6.12 14.37 3.15
CA ALA C 200 6.86 13.18 3.55
C ALA C 200 6.21 12.50 4.75
N GLY C 201 5.25 13.20 5.38
CA GLY C 201 4.47 12.59 6.44
C GLY C 201 4.79 13.12 7.85
N CYS C 202 5.69 14.11 7.97
CA CYS C 202 6.06 14.60 9.30
C CYS C 202 4.81 15.08 10.06
N GLU C 203 4.67 14.59 11.30
CA GLU C 203 3.44 14.81 12.06
C GLU C 203 3.51 16.11 12.86
N SER C 204 4.68 16.77 12.83
CA SER C 204 4.86 18.06 13.46
C SER C 204 5.93 18.86 12.72
N ILE C 205 5.85 20.18 12.82
CA ILE C 205 6.74 21.05 12.08
C ILE C 205 6.83 22.38 12.81
N THR C 206 7.99 23.03 12.75
CA THR C 206 8.16 24.34 13.34
C THR C 206 8.75 25.30 12.32
N LEU C 207 8.04 26.42 12.13
CA LEU C 207 8.32 27.34 11.05
C LEU C 207 8.95 28.60 11.61
N PRO C 208 10.00 29.15 10.96
CA PRO C 208 10.39 30.52 11.23
C PRO C 208 9.32 31.50 10.72
N LEU C 209 9.30 32.72 11.26
CA LEU C 209 8.21 33.66 10.97
C LEU C 209 8.15 33.97 9.48
N ASP C 210 9.30 34.11 8.83
CA ASP C 210 9.33 34.52 7.43
C ASP C 210 8.63 33.48 6.56
N VAL C 211 9.00 32.20 6.73
CA VAL C 211 8.41 31.12 5.95
C VAL C 211 6.92 30.96 6.29
N ALA C 212 6.58 31.05 7.57
CA ALA C 212 5.18 30.97 7.97
C ALA C 212 4.36 31.99 7.19
N GLN C 213 4.84 33.24 7.16
CA GLN C 213 4.11 34.32 6.54
C GLN C 213 4.02 34.08 5.03
N GLN C 214 5.05 33.48 4.42
CA GLN C 214 5.03 33.28 2.99
C GLN C 214 3.94 32.28 2.59
N PHE C 215 3.63 31.31 3.47
CA PHE C 215 2.60 30.35 3.18
C PHE C 215 1.29 31.07 2.86
N ILE C 216 1.06 32.21 3.53
CA ILE C 216 -0.24 32.86 3.51
C ILE C 216 -0.14 34.28 2.91
N THR C 217 0.87 34.48 2.07
CA THR C 217 1.04 35.68 1.27
C THR C 217 1.09 35.24 -0.19
N SER C 218 0.22 35.80 -1.04
CA SER C 218 0.22 35.37 -2.43
C SER C 218 -0.24 36.49 -3.35
N PRO C 219 0.53 36.87 -4.41
CA PRO C 219 0.01 37.79 -5.39
C PRO C 219 -1.20 37.23 -6.15
N ALA C 220 -1.20 35.91 -6.41
CA ALA C 220 -2.28 35.29 -7.16
C ALA C 220 -3.58 35.37 -6.35
N VAL C 221 -3.50 35.04 -5.05
CA VAL C 221 -4.68 35.10 -4.20
C VAL C 221 -5.18 36.53 -4.12
N ASP C 222 -4.27 37.50 -3.91
CA ASP C 222 -4.65 38.89 -3.78
C ASP C 222 -5.41 39.36 -5.03
N ALA C 223 -4.92 38.94 -6.21
CA ALA C 223 -5.50 39.36 -7.47
C ALA C 223 -6.88 38.72 -7.67
N ALA C 224 -7.04 37.48 -7.20
CA ALA C 224 -8.31 36.77 -7.29
C ALA C 224 -9.37 37.53 -6.50
N ILE C 225 -8.98 38.04 -5.33
CA ILE C 225 -9.91 38.69 -4.43
C ILE C 225 -10.30 40.06 -5.00
N VAL C 226 -9.33 40.77 -5.60
CA VAL C 226 -9.60 42.03 -6.28
C VAL C 226 -10.65 41.83 -7.37
N LYS C 227 -10.45 40.80 -8.19
CA LYS C 227 -11.31 40.55 -9.33
C LYS C 227 -12.72 40.25 -8.82
N PHE C 228 -12.83 39.44 -7.76
CA PHE C 228 -14.14 39.15 -7.18
C PHE C 228 -14.83 40.46 -6.80
N GLU C 229 -14.08 41.35 -6.13
CA GLU C 229 -14.61 42.61 -5.61
C GLU C 229 -15.13 43.47 -6.76
N GLN C 230 -14.35 43.55 -7.84
CA GLN C 230 -14.70 44.34 -9.02
C GLN C 230 -15.96 43.77 -9.68
N ASP C 231 -16.04 42.44 -9.77
CA ASP C 231 -17.17 41.82 -10.44
C ASP C 231 -18.43 42.06 -9.62
N TRP C 232 -18.31 41.92 -8.30
CA TRP C 232 -19.43 42.14 -7.38
C TRP C 232 -19.93 43.58 -7.47
N GLN C 233 -18.99 44.53 -7.40
CA GLN C 233 -19.28 45.95 -7.53
C GLN C 233 -20.02 46.22 -8.85
N GLY C 234 -19.52 45.61 -9.93
CA GLY C 234 -20.11 45.76 -11.25
C GLY C 234 -21.60 45.43 -11.25
N ALA C 235 -21.97 44.33 -10.59
CA ALA C 235 -23.34 43.82 -10.62
C ALA C 235 -24.22 44.51 -9.59
N PHE C 236 -23.67 44.88 -8.42
CA PHE C 236 -24.50 45.14 -7.25
C PHE C 236 -24.27 46.54 -6.67
N GLY C 237 -23.24 47.25 -7.12
CA GLY C 237 -23.04 48.64 -6.76
C GLY C 237 -22.51 48.80 -5.33
N ARG C 238 -21.81 47.77 -4.82
CA ARG C 238 -21.22 47.76 -3.49
C ARG C 238 -20.21 46.61 -3.44
N THR C 239 -19.35 46.57 -2.41
CA THR C 239 -18.35 45.53 -2.26
C THR C 239 -18.64 44.67 -1.02
N SER C 240 -19.83 44.85 -0.43
CA SER C 240 -20.28 44.06 0.69
C SER C 240 -21.43 43.14 0.24
N ILE C 241 -21.71 42.07 1.01
CA ILE C 241 -22.85 41.22 0.70
C ILE C 241 -24.14 41.96 1.06
N MET D 22 12.29 -2.48 17.77
CA MET D 22 13.65 -2.67 17.19
C MET D 22 14.56 -3.21 18.28
N GLU D 23 15.41 -4.19 17.92
CA GLU D 23 16.42 -4.68 18.84
C GLU D 23 17.80 -4.29 18.32
N LEU D 24 18.50 -3.48 19.11
CA LEU D 24 19.82 -2.98 18.75
C LEU D 24 20.91 -3.73 19.52
N TYR D 25 21.79 -4.41 18.79
CA TYR D 25 22.88 -5.16 19.40
C TYR D 25 24.22 -4.55 19.01
N LEU D 26 25.24 -4.83 19.85
CA LEU D 26 26.63 -4.64 19.47
C LEU D 26 27.24 -5.99 19.09
N ASP D 27 28.19 -5.95 18.13
CA ASP D 27 28.81 -7.13 17.58
C ASP D 27 30.28 -7.12 17.99
N THR D 28 30.57 -7.70 19.16
CA THR D 28 31.83 -7.44 19.85
C THR D 28 32.08 -8.46 20.96
N SER D 29 33.37 -8.59 21.32
CA SER D 29 33.79 -9.27 22.54
C SER D 29 34.51 -8.30 23.48
N ASP D 30 34.40 -7.00 23.22
CA ASP D 30 35.08 -5.97 23.99
C ASP D 30 34.19 -5.53 25.15
N VAL D 31 34.36 -6.22 26.28
CA VAL D 31 33.51 -6.06 27.45
C VAL D 31 33.48 -4.60 27.91
N ALA D 32 34.65 -3.96 27.99
CA ALA D 32 34.73 -2.57 28.46
C ALA D 32 33.96 -1.63 27.54
N ALA D 33 34.04 -1.85 26.22
CA ALA D 33 33.30 -1.02 25.26
C ALA D 33 31.80 -1.20 25.43
N VAL D 34 31.36 -2.43 25.70
CA VAL D 34 29.95 -2.70 25.90
C VAL D 34 29.44 -1.92 27.12
N LYS D 35 30.19 -1.97 28.23
CA LYS D 35 29.80 -1.24 29.42
C LYS D 35 29.69 0.26 29.11
N LYS D 36 30.65 0.80 28.35
CA LYS D 36 30.67 2.21 28.02
C LYS D 36 29.44 2.57 27.19
N LEU D 37 29.14 1.76 26.19
CA LEU D 37 28.09 2.07 25.23
C LEU D 37 26.70 1.71 25.75
N ALA D 38 26.60 0.85 26.78
CA ALA D 38 25.32 0.44 27.31
C ALA D 38 24.58 1.60 27.97
N ARG D 39 25.30 2.64 28.39
CA ARG D 39 24.63 3.77 29.02
C ARG D 39 24.24 4.81 27.97
N ILE D 40 24.76 4.66 26.75
CA ILE D 40 24.52 5.60 25.67
C ILE D 40 23.39 5.09 24.78
N PHE D 41 23.50 3.88 24.26
CA PHE D 41 22.49 3.34 23.37
C PHE D 41 21.46 2.56 24.18
N PRO D 42 20.23 2.37 23.65
CA PRO D 42 19.31 1.40 24.22
C PRO D 42 19.55 -0.02 23.70
N LEU D 43 20.50 -0.73 24.32
CA LEU D 43 20.97 -1.98 23.75
C LEU D 43 20.01 -3.10 24.14
N ALA D 44 19.81 -4.03 23.19
CA ALA D 44 19.09 -5.26 23.47
C ALA D 44 20.06 -6.36 23.95
N GLY D 45 21.35 -6.16 23.69
CA GLY D 45 22.33 -7.17 24.04
C GLY D 45 23.55 -7.11 23.13
N VAL D 46 24.23 -8.26 23.04
CA VAL D 46 25.48 -8.38 22.29
C VAL D 46 25.45 -9.67 21.49
N THR D 47 25.94 -9.59 20.25
CA THR D 47 26.15 -10.77 19.42
C THR D 47 27.65 -11.05 19.35
N THR D 48 27.98 -12.35 19.24
CA THR D 48 29.32 -12.80 18.97
C THR D 48 29.29 -13.78 17.81
N ASN D 49 30.46 -14.01 17.23
CA ASN D 49 30.67 -15.13 16.33
C ASN D 49 32.05 -15.68 16.65
N PRO D 50 32.46 -16.81 16.03
CA PRO D 50 33.73 -17.42 16.41
C PRO D 50 34.94 -16.51 16.24
N SER D 51 34.97 -15.70 15.18
CA SER D 51 36.07 -14.78 14.95
C SER D 51 36.12 -13.67 15.99
N ILE D 52 34.94 -13.15 16.35
CA ILE D 52 34.87 -12.06 17.32
C ILE D 52 35.30 -12.58 18.70
N VAL D 53 34.87 -13.79 19.04
CA VAL D 53 35.30 -14.40 20.29
C VAL D 53 36.83 -14.59 20.25
N ALA D 54 37.34 -15.16 19.16
CA ALA D 54 38.77 -15.42 19.04
C ALA D 54 39.57 -14.13 19.24
N ALA D 55 39.06 -13.03 18.67
CA ALA D 55 39.76 -11.75 18.66
C ALA D 55 39.95 -11.23 20.08
N GLY D 56 39.00 -11.54 20.97
CA GLY D 56 39.07 -11.09 22.35
C GLY D 56 39.93 -12.02 23.22
N LYS D 57 40.23 -13.22 22.72
CA LYS D 57 41.14 -14.18 23.38
C LYS D 57 40.64 -14.65 24.74
N THR D 58 39.33 -14.52 24.97
CA THR D 58 38.69 -14.90 26.21
C THR D 58 37.67 -15.99 25.90
N PRO D 59 37.73 -17.16 26.55
CA PRO D 59 36.77 -18.22 26.29
C PRO D 59 35.34 -17.82 26.68
N LEU D 60 34.39 -18.48 26.02
CA LEU D 60 32.97 -18.21 26.18
C LEU D 60 32.54 -18.25 27.64
N ASP D 61 33.10 -19.21 28.41
CA ASP D 61 32.66 -19.41 29.80
C ASP D 61 32.96 -18.17 30.65
N GLU D 62 33.96 -17.39 30.24
CA GLU D 62 34.32 -16.15 30.93
C GLU D 62 33.71 -14.94 30.22
N LEU D 63 33.72 -14.94 28.89
CA LEU D 63 33.31 -13.78 28.10
C LEU D 63 31.81 -13.51 28.30
N LEU D 64 30.99 -14.56 28.17
CA LEU D 64 29.54 -14.35 28.11
C LEU D 64 29.02 -13.79 29.44
N PRO D 65 29.46 -14.29 30.62
CA PRO D 65 29.04 -13.66 31.86
C PRO D 65 29.56 -12.23 32.02
N ALA D 66 30.76 -11.95 31.50
CA ALA D 66 31.32 -10.61 31.55
C ALA D 66 30.46 -9.65 30.72
N LEU D 67 30.03 -10.11 29.53
CA LEU D 67 29.17 -9.31 28.68
C LEU D 67 27.82 -9.06 29.35
N HIS D 68 27.24 -10.10 29.95
CA HIS D 68 26.00 -9.97 30.72
C HIS D 68 26.15 -8.87 31.76
N ASP D 69 27.27 -8.89 32.51
CA ASP D 69 27.52 -7.90 33.54
C ASP D 69 27.65 -6.50 32.93
N ALA D 70 28.38 -6.39 31.81
CA ALA D 70 28.65 -5.10 31.19
C ALA D 70 27.34 -4.45 30.72
N LEU D 71 26.36 -5.28 30.34
CA LEU D 71 25.07 -4.78 29.89
C LEU D 71 24.25 -4.28 31.09
N GLY D 72 24.68 -4.62 32.32
CA GLY D 72 23.94 -4.25 33.52
C GLY D 72 23.13 -5.42 34.09
N GLY D 73 23.54 -6.64 33.78
CA GLY D 73 22.88 -7.85 34.26
C GLY D 73 21.54 -8.08 33.54
N LYS D 74 21.47 -7.69 32.28
CA LYS D 74 20.25 -7.88 31.52
C LYS D 74 20.62 -8.12 30.04
N GLY D 75 19.61 -8.24 29.20
CA GLY D 75 19.82 -8.28 27.77
C GLY D 75 20.05 -9.71 27.27
N ARG D 76 20.16 -9.82 25.95
CA ARG D 76 20.22 -11.09 25.26
C ARG D 76 21.59 -11.21 24.60
N LEU D 77 22.20 -12.39 24.73
CA LEU D 77 23.46 -12.68 24.07
C LEU D 77 23.24 -13.73 22.98
N PHE D 78 24.11 -13.69 21.97
CA PHE D 78 24.12 -14.65 20.89
C PHE D 78 25.52 -15.21 20.75
N ALA D 79 25.61 -16.54 20.65
CA ALA D 79 26.87 -17.22 20.43
C ALA D 79 26.66 -18.42 19.52
N GLN D 80 27.72 -18.76 18.79
CA GLN D 80 27.64 -19.70 17.68
C GLN D 80 28.19 -21.07 18.10
N VAL D 81 27.51 -22.12 17.61
CA VAL D 81 28.00 -23.48 17.68
C VAL D 81 29.26 -23.63 16.83
N MET D 82 30.11 -24.59 17.20
CA MET D 82 31.34 -24.88 16.46
C MET D 82 31.27 -26.25 15.78
N ALA D 83 30.38 -27.13 16.23
CA ALA D 83 30.28 -28.48 15.69
C ALA D 83 29.79 -28.44 14.24
N THR D 84 30.00 -29.56 13.52
CA THR D 84 29.69 -29.64 12.11
C THR D 84 28.54 -30.60 11.81
N THR D 85 28.16 -31.48 12.76
CA THR D 85 27.01 -32.35 12.60
C THR D 85 25.83 -31.76 13.35
N ALA D 86 24.62 -32.14 12.95
CA ALA D 86 23.42 -31.68 13.62
C ALA D 86 23.44 -32.07 15.10
N GLU D 87 23.85 -33.31 15.38
CA GLU D 87 23.86 -33.82 16.75
C GLU D 87 24.88 -33.05 17.58
N GLY D 88 26.04 -32.72 16.99
CA GLY D 88 27.07 -31.95 17.66
C GLY D 88 26.61 -30.52 17.90
N MET D 89 25.84 -29.97 16.95
CA MET D 89 25.35 -28.62 17.09
C MET D 89 24.31 -28.54 18.21
N VAL D 90 23.52 -29.60 18.39
CA VAL D 90 22.57 -29.64 19.50
C VAL D 90 23.33 -29.68 20.83
N GLU D 91 24.35 -30.54 20.90
CA GLU D 91 25.19 -30.60 22.09
C GLU D 91 25.79 -29.22 22.37
N ASP D 92 26.30 -28.52 21.35
CA ASP D 92 26.86 -27.19 21.58
C ASP D 92 25.79 -26.21 22.06
N ALA D 93 24.60 -26.28 21.46
CA ALA D 93 23.50 -25.40 21.86
C ALA D 93 23.25 -25.51 23.36
N ARG D 94 23.16 -26.72 23.86
CA ARG D 94 22.90 -26.95 25.28
C ARG D 94 24.07 -26.42 26.13
N LYS D 95 25.30 -26.57 25.61
CA LYS D 95 26.47 -26.10 26.34
C LYS D 95 26.37 -24.58 26.50
N LEU D 96 25.97 -23.89 25.41
CA LEU D 96 25.92 -22.45 25.41
C LEU D 96 24.80 -21.97 26.34
N ARG D 97 23.65 -22.64 26.30
CA ARG D 97 22.54 -22.27 27.16
C ARG D 97 22.92 -22.45 28.64
N ALA D 98 23.82 -23.40 28.92
CA ALA D 98 24.27 -23.69 30.29
C ALA D 98 25.13 -22.55 30.83
N ILE D 99 25.69 -21.72 29.94
CA ILE D 99 26.57 -20.65 30.38
C ILE D 99 25.77 -19.41 30.78
N ILE D 100 24.75 -19.07 29.98
CA ILE D 100 24.02 -17.82 30.07
C ILE D 100 22.54 -18.15 29.88
N ASN D 101 21.65 -17.55 30.67
CA ASN D 101 20.22 -17.83 30.58
C ASN D 101 19.61 -17.32 29.27
N ASP D 102 19.66 -16.00 29.04
CA ASP D 102 19.03 -15.41 27.87
C ASP D 102 20.04 -15.41 26.71
N LEU D 103 20.20 -16.58 26.11
CA LEU D 103 21.16 -16.75 25.02
C LEU D 103 20.44 -17.40 23.85
N VAL D 104 20.69 -16.85 22.67
CA VAL D 104 20.19 -17.42 21.44
C VAL D 104 21.35 -18.04 20.68
N VAL D 105 21.16 -19.28 20.27
CA VAL D 105 22.21 -20.07 19.65
C VAL D 105 22.25 -19.77 18.16
N LYS D 106 23.42 -19.34 17.68
CA LYS D 106 23.63 -19.11 16.25
C LYS D 106 24.06 -20.41 15.60
N VAL D 107 23.33 -20.78 14.54
CA VAL D 107 23.59 -22.02 13.82
C VAL D 107 23.83 -21.67 12.36
N PRO D 108 24.96 -22.07 11.76
CA PRO D 108 25.18 -21.82 10.35
C PRO D 108 24.11 -22.49 9.49
N VAL D 109 23.61 -21.77 8.48
CA VAL D 109 22.56 -22.33 7.65
C VAL D 109 23.18 -23.16 6.53
N THR D 110 23.50 -24.40 6.91
CA THR D 110 24.03 -25.45 6.07
C THR D 110 23.05 -26.63 6.11
N VAL D 111 23.39 -27.72 5.42
CA VAL D 111 22.59 -28.93 5.49
C VAL D 111 22.43 -29.34 6.95
N GLU D 112 23.55 -29.51 7.65
CA GLU D 112 23.50 -30.01 9.02
C GLU D 112 22.88 -28.95 9.93
N GLY D 113 23.18 -27.69 9.66
CA GLY D 113 22.63 -26.58 10.44
C GLY D 113 21.10 -26.56 10.42
N LEU D 114 20.52 -26.72 9.23
CA LEU D 114 19.08 -26.72 9.08
C LEU D 114 18.47 -27.87 9.87
N ALA D 115 19.13 -29.04 9.83
CA ALA D 115 18.68 -30.18 10.61
C ALA D 115 18.74 -29.85 12.10
N ALA D 116 19.82 -29.21 12.54
CA ALA D 116 19.94 -28.81 13.94
C ALA D 116 18.86 -27.81 14.33
N ILE D 117 18.60 -26.81 13.47
CA ILE D 117 17.58 -25.82 13.76
C ILE D 117 16.22 -26.49 13.99
N LYS D 118 15.88 -27.51 13.18
CA LYS D 118 14.63 -28.23 13.38
C LYS D 118 14.61 -28.92 14.75
N MET D 119 15.73 -29.56 15.13
CA MET D 119 15.81 -30.30 16.39
C MET D 119 15.69 -29.33 17.56
N LEU D 120 16.32 -28.16 17.44
CA LEU D 120 16.34 -27.17 18.51
C LEU D 120 14.98 -26.50 18.65
N LYS D 121 14.25 -26.35 17.53
CA LYS D 121 12.89 -25.87 17.59
C LYS D 121 12.03 -26.83 18.39
N ALA D 122 12.18 -28.14 18.15
CA ALA D 122 11.39 -29.13 18.86
C ALA D 122 11.67 -29.06 20.37
N GLU D 123 12.94 -28.80 20.73
CA GLU D 123 13.37 -28.82 22.13
C GLU D 123 13.06 -27.47 22.79
N GLY D 124 12.80 -26.43 21.99
CA GLY D 124 12.42 -25.12 22.49
C GLY D 124 13.61 -24.22 22.82
N ILE D 125 14.75 -24.48 22.18
CA ILE D 125 15.95 -23.67 22.35
C ILE D 125 15.96 -22.64 21.22
N PRO D 126 15.93 -21.32 21.51
CA PRO D 126 15.87 -20.34 20.43
C PRO D 126 17.13 -20.33 19.59
N THR D 127 16.97 -20.15 18.28
CA THR D 127 18.11 -20.14 17.36
C THR D 127 18.08 -18.90 16.49
N LEU D 128 19.26 -18.62 15.94
CA LEU D 128 19.44 -17.66 14.86
C LEU D 128 20.11 -18.41 13.73
N GLY D 129 19.63 -18.21 12.50
CA GLY D 129 20.28 -18.80 11.34
C GLY D 129 21.34 -17.86 10.80
N THR D 130 22.63 -18.25 10.95
CA THR D 130 23.76 -17.40 10.62
C THR D 130 24.48 -17.88 9.36
N ALA D 131 25.46 -17.09 8.94
CA ALA D 131 26.24 -17.32 7.74
C ALA D 131 25.32 -17.36 6.52
N VAL D 132 24.42 -16.38 6.47
CA VAL D 132 23.45 -16.31 5.39
C VAL D 132 23.96 -15.33 4.34
N TYR D 133 24.10 -15.87 3.12
CA TYR D 133 24.63 -15.14 1.99
C TYR D 133 23.57 -14.97 0.91
N GLY D 134 22.37 -15.50 1.14
CA GLY D 134 21.30 -15.42 0.17
C GLY D 134 19.93 -15.47 0.83
N ALA D 135 18.92 -14.91 0.16
CA ALA D 135 17.61 -14.72 0.80
C ALA D 135 16.91 -16.06 1.01
N ALA D 136 16.93 -16.96 0.00
CA ALA D 136 16.23 -18.23 0.13
C ALA D 136 16.84 -19.09 1.24
N GLN D 137 18.17 -19.21 1.26
CA GLN D 137 18.88 -19.84 2.36
C GLN D 137 18.39 -19.31 3.70
N GLY D 138 18.32 -17.98 3.83
CA GLY D 138 17.85 -17.35 5.07
C GLY D 138 16.42 -17.74 5.40
N MET D 139 15.52 -17.63 4.40
CA MET D 139 14.12 -17.99 4.61
C MET D 139 13.98 -19.44 5.09
N LEU D 140 14.78 -20.36 4.53
CA LEU D 140 14.71 -21.76 4.92
C LEU D 140 15.00 -21.93 6.41
N SER D 141 15.95 -21.15 6.92
CA SER D 141 16.32 -21.25 8.33
C SER D 141 15.17 -20.79 9.22
N ALA D 142 14.44 -19.76 8.79
CA ALA D 142 13.26 -19.28 9.52
C ALA D 142 12.15 -20.34 9.49
N LEU D 143 11.89 -20.91 8.32
CA LEU D 143 10.88 -21.95 8.19
C LEU D 143 11.21 -23.17 9.06
N ALA D 144 12.51 -23.42 9.26
CA ALA D 144 12.97 -24.56 10.05
C ALA D 144 12.82 -24.28 11.54
N GLY D 145 12.68 -23.00 11.90
CA GLY D 145 12.40 -22.65 13.29
C GLY D 145 13.23 -21.48 13.84
N ALA D 146 14.21 -20.96 13.09
CA ALA D 146 15.03 -19.87 13.61
C ALA D 146 14.20 -18.60 13.82
N GLU D 147 14.32 -17.98 15.01
CA GLU D 147 13.61 -16.78 15.40
C GLU D 147 14.25 -15.54 14.78
N TYR D 148 15.53 -15.67 14.41
CA TYR D 148 16.30 -14.61 13.78
C TYR D 148 17.05 -15.21 12.60
N VAL D 149 17.33 -14.37 11.61
CA VAL D 149 18.13 -14.73 10.44
C VAL D 149 19.12 -13.61 10.20
N ALA D 150 20.43 -13.93 10.23
CA ALA D 150 21.47 -12.92 10.09
C ALA D 150 22.17 -13.03 8.73
N PRO D 151 21.77 -12.21 7.74
CA PRO D 151 22.57 -12.06 6.52
C PRO D 151 23.87 -11.33 6.80
N TYR D 152 24.95 -11.78 6.15
CA TYR D 152 26.24 -11.15 6.25
C TYR D 152 26.33 -10.09 5.16
N VAL D 153 25.83 -8.88 5.48
CA VAL D 153 25.66 -7.81 4.53
C VAL D 153 26.99 -7.45 3.86
N ASN D 154 28.04 -7.15 4.65
CA ASN D 154 29.26 -6.66 4.01
C ASN D 154 29.98 -7.79 3.30
N ARG D 155 29.84 -9.02 3.80
CA ARG D 155 30.51 -10.15 3.16
C ARG D 155 29.94 -10.34 1.75
N VAL D 156 28.62 -10.19 1.62
CA VAL D 156 28.00 -10.26 0.31
C VAL D 156 28.50 -9.12 -0.58
N ASP D 157 28.52 -7.90 -0.04
CA ASP D 157 29.06 -6.75 -0.74
C ASP D 157 30.51 -6.97 -1.15
N ALA D 158 31.32 -7.56 -0.27
CA ALA D 158 32.76 -7.63 -0.51
C ALA D 158 33.10 -8.66 -1.58
N GLN D 159 32.21 -9.64 -1.78
CA GLN D 159 32.45 -10.72 -2.74
C GLN D 159 31.73 -10.46 -4.08
N GLY D 160 31.35 -9.21 -4.34
CA GLY D 160 30.88 -8.79 -5.65
C GLY D 160 29.36 -8.95 -5.82
N GLY D 161 28.65 -9.17 -4.70
CA GLY D 161 27.21 -9.20 -4.74
C GLY D 161 26.62 -7.86 -4.30
N ASP D 162 25.36 -7.92 -3.84
CA ASP D 162 24.61 -6.75 -3.43
C ASP D 162 23.94 -7.04 -2.10
N GLY D 163 24.67 -6.74 -1.03
CA GLY D 163 24.27 -7.13 0.31
C GLY D 163 22.92 -6.52 0.68
N ILE D 164 22.70 -5.24 0.31
CA ILE D 164 21.44 -4.62 0.64
C ILE D 164 20.30 -5.28 -0.13
N GLN D 165 20.52 -5.61 -1.40
CA GLN D 165 19.45 -6.24 -2.16
C GLN D 165 19.10 -7.60 -1.57
N THR D 166 20.13 -8.32 -1.06
CA THR D 166 19.93 -9.61 -0.41
C THR D 166 19.06 -9.42 0.84
N VAL D 167 19.32 -8.34 1.60
CA VAL D 167 18.56 -8.04 2.81
C VAL D 167 17.11 -7.70 2.45
N ILE D 168 16.92 -6.86 1.43
CA ILE D 168 15.58 -6.51 0.97
C ILE D 168 14.81 -7.78 0.60
N GLU D 169 15.45 -8.68 -0.15
CA GLU D 169 14.81 -9.92 -0.57
C GLU D 169 14.50 -10.79 0.65
N LEU D 170 15.46 -10.92 1.57
CA LEU D 170 15.23 -11.72 2.76
C LEU D 170 14.04 -11.17 3.55
N GLN D 171 14.06 -9.86 3.84
CA GLN D 171 13.00 -9.25 4.62
C GLN D 171 11.64 -9.49 3.96
N GLN D 172 11.57 -9.36 2.63
CA GLN D 172 10.33 -9.65 1.91
C GLN D 172 9.88 -11.09 2.13
N LEU D 173 10.83 -12.04 2.08
CA LEU D 173 10.53 -13.45 2.24
C LEU D 173 10.00 -13.72 3.65
N LEU D 174 10.59 -13.11 4.68
CA LEU D 174 10.13 -13.33 6.04
C LEU D 174 8.75 -12.72 6.23
N THR D 175 8.55 -11.49 5.75
CA THR D 175 7.27 -10.78 5.85
C THR D 175 6.17 -11.63 5.21
N LEU D 176 6.45 -12.20 4.04
CA LEU D 176 5.45 -12.96 3.30
C LEU D 176 5.22 -14.33 3.93
N HIS D 177 6.29 -15.02 4.31
CA HIS D 177 6.27 -16.47 4.41
C HIS D 177 6.62 -16.97 5.82
N ALA D 178 7.26 -16.12 6.64
CA ALA D 178 7.69 -16.50 7.98
C ALA D 178 7.69 -15.27 8.89
N PRO D 179 6.52 -14.65 9.16
CA PRO D 179 6.48 -13.33 9.77
C PRO D 179 6.91 -13.30 11.24
N GLN D 180 6.89 -14.46 11.90
CA GLN D 180 7.34 -14.62 13.28
C GLN D 180 8.86 -14.47 13.40
N SER D 181 9.57 -14.65 12.29
CA SER D 181 11.03 -14.55 12.33
C SER D 181 11.44 -13.13 11.97
N LYS D 182 12.61 -12.72 12.48
CA LYS D 182 13.15 -11.38 12.25
C LYS D 182 14.45 -11.49 11.48
N VAL D 183 14.76 -10.46 10.69
CA VAL D 183 16.10 -10.27 10.18
C VAL D 183 16.91 -9.60 11.29
N LEU D 184 18.08 -10.19 11.60
CA LEU D 184 19.09 -9.52 12.41
C LEU D 184 20.26 -9.17 11.49
N ALA D 185 20.21 -7.97 10.92
CA ALA D 185 21.23 -7.56 9.95
C ALA D 185 22.60 -7.46 10.62
N ALA D 186 23.63 -7.99 9.94
CA ALA D 186 24.97 -8.12 10.49
C ALA D 186 26.02 -7.90 9.39
N SER D 187 27.25 -7.58 9.82
CA SER D 187 28.43 -7.50 8.96
C SER D 187 28.41 -6.15 8.24
N PHE D 188 29.02 -5.16 8.89
CA PHE D 188 29.00 -3.78 8.43
C PHE D 188 30.38 -3.18 8.45
N LYS D 189 30.68 -2.42 7.37
CA LYS D 189 31.87 -1.59 7.31
C LYS D 189 31.54 -0.11 7.29
N THR D 190 30.29 0.27 6.95
CA THR D 190 29.93 1.67 6.90
C THR D 190 28.52 1.87 7.44
N PRO D 191 28.26 2.98 8.15
CA PRO D 191 26.91 3.32 8.59
C PRO D 191 25.85 3.24 7.49
N ARG D 192 26.21 3.60 6.26
CA ARG D 192 25.23 3.60 5.20
C ARG D 192 24.62 2.21 5.04
N GLN D 193 25.43 1.15 5.17
CA GLN D 193 24.95 -0.22 5.02
C GLN D 193 23.90 -0.49 6.10
N ALA D 194 24.21 -0.11 7.33
CA ALA D 194 23.33 -0.37 8.46
C ALA D 194 22.02 0.42 8.28
N LEU D 195 22.15 1.68 7.87
CA LEU D 195 20.98 2.54 7.60
C LEU D 195 20.09 1.88 6.55
N ASP D 196 20.71 1.37 5.47
CA ASP D 196 19.95 0.80 4.37
C ASP D 196 19.22 -0.46 4.85
N CYS D 197 19.84 -1.22 5.78
CA CYS D 197 19.18 -2.40 6.34
C CYS D 197 17.98 -1.98 7.18
N LEU D 198 18.12 -0.89 7.93
CA LEU D 198 17.02 -0.40 8.76
C LEU D 198 15.89 0.14 7.90
N LEU D 199 16.22 0.79 6.79
CA LEU D 199 15.20 1.29 5.89
C LEU D 199 14.42 0.15 5.26
N ALA D 200 15.11 -0.98 5.04
CA ALA D 200 14.54 -2.18 4.43
C ALA D 200 13.58 -2.88 5.38
N GLY D 201 13.57 -2.45 6.66
CA GLY D 201 12.58 -2.91 7.63
C GLY D 201 13.10 -4.03 8.53
N CYS D 202 14.41 -4.25 8.58
CA CYS D 202 14.97 -5.22 9.51
C CYS D 202 14.57 -4.85 10.94
N GLU D 203 14.11 -5.84 11.72
CA GLU D 203 13.58 -5.56 13.04
C GLU D 203 14.64 -5.77 14.14
N SER D 204 15.86 -6.11 13.74
CA SER D 204 16.98 -6.19 14.66
C SER D 204 18.27 -6.00 13.87
N ILE D 205 19.33 -5.54 14.54
CA ILE D 205 20.58 -5.25 13.85
C ILE D 205 21.70 -5.34 14.86
N THR D 206 22.89 -5.74 14.40
CA THR D 206 24.04 -5.78 15.28
C THR D 206 25.17 -5.01 14.63
N LEU D 207 25.74 -4.08 15.41
CA LEU D 207 26.69 -3.12 14.89
C LEU D 207 28.06 -3.42 15.47
N PRO D 208 29.12 -3.42 14.64
CA PRO D 208 30.45 -3.31 15.18
C PRO D 208 30.65 -1.97 15.88
N LEU D 209 31.65 -1.89 16.74
CA LEU D 209 31.85 -0.71 17.56
C LEU D 209 32.09 0.52 16.70
N ASP D 210 32.92 0.42 15.65
CA ASP D 210 33.27 1.60 14.87
C ASP D 210 32.03 2.19 14.19
N VAL D 211 31.19 1.35 13.57
CA VAL D 211 29.99 1.85 12.91
C VAL D 211 29.01 2.44 13.92
N ALA D 212 28.80 1.76 15.05
CA ALA D 212 27.94 2.28 16.11
C ALA D 212 28.35 3.70 16.50
N GLN D 213 29.64 3.92 16.71
CA GLN D 213 30.12 5.21 17.16
C GLN D 213 30.03 6.27 16.07
N GLN D 214 30.14 5.85 14.81
CA GLN D 214 30.01 6.80 13.72
C GLN D 214 28.60 7.38 13.64
N PHE D 215 27.58 6.56 13.93
CA PHE D 215 26.19 7.01 13.94
C PHE D 215 26.04 8.24 14.84
N ILE D 216 26.81 8.30 15.94
CA ILE D 216 26.51 9.27 16.99
C ILE D 216 27.65 10.26 17.20
N THR D 217 28.56 10.36 16.21
CA THR D 217 29.62 11.36 16.21
C THR D 217 29.68 12.03 14.84
N SER D 218 29.62 13.36 14.85
CA SER D 218 29.38 14.12 13.64
C SER D 218 30.05 15.48 13.76
N PRO D 219 30.89 15.91 12.78
CA PRO D 219 31.37 17.28 12.80
C PRO D 219 30.26 18.33 12.72
N ALA D 220 29.23 18.04 11.92
CA ALA D 220 28.14 18.99 11.73
C ALA D 220 27.41 19.22 13.04
N VAL D 221 27.16 18.15 13.79
CA VAL D 221 26.45 18.27 15.05
C VAL D 221 27.32 19.02 16.07
N ASP D 222 28.62 18.68 16.12
CA ASP D 222 29.54 19.34 17.04
C ASP D 222 29.57 20.85 16.77
N ALA D 223 29.60 21.22 15.49
CA ALA D 223 29.68 22.63 15.11
C ALA D 223 28.39 23.36 15.49
N ALA D 224 27.25 22.69 15.34
CA ALA D 224 25.97 23.28 15.70
C ALA D 224 25.96 23.64 17.18
N ILE D 225 26.44 22.71 18.01
CA ILE D 225 26.36 22.85 19.45
C ILE D 225 27.33 23.96 19.89
N VAL D 226 28.48 24.04 19.21
CA VAL D 226 29.46 25.09 19.47
C VAL D 226 28.87 26.46 19.17
N LYS D 227 28.07 26.58 18.09
CA LYS D 227 27.48 27.86 17.71
C LYS D 227 26.37 28.23 18.69
N PHE D 228 25.62 27.22 19.15
CA PHE D 228 24.59 27.45 20.16
C PHE D 228 25.22 28.06 21.40
N GLU D 229 26.30 27.43 21.86
CA GLU D 229 27.01 27.87 23.06
C GLU D 229 27.49 29.32 22.91
N GLN D 230 28.02 29.66 21.74
CA GLN D 230 28.59 30.98 21.50
C GLN D 230 27.50 32.04 21.51
N ASP D 231 26.37 31.75 20.86
CA ASP D 231 25.26 32.69 20.82
C ASP D 231 24.74 32.92 22.24
N TRP D 232 24.62 31.83 23.00
CA TRP D 232 24.11 31.90 24.36
C TRP D 232 25.06 32.72 25.23
N GLN D 233 26.37 32.48 25.08
CA GLN D 233 27.42 33.25 25.73
C GLN D 233 27.28 34.74 25.42
N GLY D 234 27.13 35.07 24.14
CA GLY D 234 27.02 36.45 23.67
C GLY D 234 25.85 37.19 24.32
N ALA D 235 24.74 36.48 24.57
CA ALA D 235 23.54 37.12 25.12
C ALA D 235 23.60 37.14 26.64
N PHE D 236 24.06 36.05 27.25
CA PHE D 236 23.83 35.83 28.68
C PHE D 236 25.13 35.74 29.46
N GLY D 237 26.27 35.81 28.78
CA GLY D 237 27.57 35.81 29.44
C GLY D 237 27.83 34.53 30.24
N ARG D 238 27.27 33.40 29.77
CA ARG D 238 27.54 32.08 30.30
C ARG D 238 27.04 31.04 29.29
N THR D 239 27.41 29.76 29.45
CA THR D 239 27.08 28.74 28.46
C THR D 239 26.03 27.77 29.02
N SER D 240 25.60 27.98 30.26
CA SER D 240 24.70 27.08 30.96
C SER D 240 23.30 27.68 31.06
N ILE D 241 22.31 26.81 31.33
CA ILE D 241 20.94 27.25 31.55
C ILE D 241 20.95 28.33 32.65
N MET E 22 3.93 -20.93 4.60
CA MET E 22 4.52 -21.42 3.33
C MET E 22 4.51 -22.94 3.36
N GLU E 23 4.16 -23.54 2.21
CA GLU E 23 4.24 -24.98 2.04
C GLU E 23 5.35 -25.32 1.04
N LEU E 24 6.40 -25.97 1.55
CA LEU E 24 7.56 -26.37 0.75
C LEU E 24 7.42 -27.85 0.39
N TYR E 25 7.37 -28.13 -0.92
CA TYR E 25 7.27 -29.48 -1.44
C TYR E 25 8.52 -29.84 -2.23
N LEU E 26 8.81 -31.15 -2.31
CA LEU E 26 9.74 -31.69 -3.29
C LEU E 26 8.95 -32.28 -4.46
N ASP E 27 9.51 -32.14 -5.67
CA ASP E 27 8.89 -32.60 -6.90
C ASP E 27 9.67 -33.82 -7.42
N THR E 28 9.28 -35.02 -6.97
CA THR E 28 10.14 -36.19 -7.09
C THR E 28 9.33 -37.47 -6.88
N SER E 29 9.89 -38.59 -7.35
CA SER E 29 9.44 -39.93 -6.98
C SER E 29 10.57 -40.70 -6.28
N ASP E 30 11.63 -39.99 -5.89
CA ASP E 30 12.80 -40.61 -5.27
C ASP E 30 12.59 -40.70 -3.76
N VAL E 31 12.11 -41.86 -3.31
CA VAL E 31 11.69 -42.02 -1.92
C VAL E 31 12.87 -41.80 -0.97
N ALA E 32 14.01 -42.40 -1.28
CA ALA E 32 15.19 -42.29 -0.43
C ALA E 32 15.64 -40.82 -0.32
N ALA E 33 15.57 -40.06 -1.42
CA ALA E 33 15.94 -38.66 -1.39
C ALA E 33 14.99 -37.85 -0.51
N VAL E 34 13.69 -38.19 -0.53
CA VAL E 34 12.71 -37.51 0.29
C VAL E 34 13.06 -37.74 1.76
N LYS E 35 13.29 -39.00 2.13
CA LYS E 35 13.64 -39.33 3.51
C LYS E 35 14.84 -38.50 3.97
N LYS E 36 15.89 -38.48 3.14
CA LYS E 36 17.11 -37.75 3.44
C LYS E 36 16.80 -36.28 3.72
N LEU E 37 16.04 -35.64 2.82
CA LEU E 37 15.84 -34.19 2.87
C LEU E 37 14.76 -33.82 3.90
N ALA E 38 13.92 -34.78 4.31
CA ALA E 38 12.85 -34.48 5.24
C ALA E 38 13.41 -34.10 6.62
N ARG E 39 14.65 -34.49 6.92
CA ARG E 39 15.24 -34.11 8.21
C ARG E 39 16.02 -32.80 8.11
N ILE E 40 16.13 -32.25 6.88
CA ILE E 40 16.85 -31.02 6.60
C ILE E 40 15.88 -29.86 6.42
N PHE E 41 14.97 -30.02 5.45
CA PHE E 41 13.97 -29.01 5.15
C PHE E 41 12.73 -29.24 5.98
N PRO E 42 11.93 -28.19 6.26
CA PRO E 42 10.58 -28.38 6.78
C PRO E 42 9.58 -28.61 5.65
N LEU E 43 9.48 -29.88 5.23
CA LEU E 43 8.68 -30.25 4.07
C LEU E 43 7.20 -30.27 4.44
N ALA E 44 6.37 -29.77 3.52
CA ALA E 44 4.93 -29.94 3.57
C ALA E 44 4.48 -31.24 2.90
N GLY E 45 5.34 -31.83 2.08
CA GLY E 45 4.98 -33.04 1.35
C GLY E 45 5.73 -33.15 0.03
N VAL E 46 5.16 -33.96 -0.87
CA VAL E 46 5.75 -34.22 -2.17
C VAL E 46 4.68 -34.05 -3.25
N THR E 47 5.11 -33.49 -4.40
CA THR E 47 4.28 -33.46 -5.59
C THR E 47 4.82 -34.47 -6.61
N THR E 48 3.91 -35.08 -7.37
CA THR E 48 4.32 -35.88 -8.51
C THR E 48 3.55 -35.41 -9.74
N ASN E 49 4.07 -35.82 -10.91
CA ASN E 49 3.37 -35.73 -12.17
C ASN E 49 3.66 -37.01 -12.96
N PRO E 50 2.96 -37.27 -14.08
CA PRO E 50 3.07 -38.55 -14.75
C PRO E 50 4.51 -38.90 -15.14
N SER E 51 5.28 -37.89 -15.57
CA SER E 51 6.67 -38.11 -15.97
C SER E 51 7.51 -38.49 -14.75
N ILE E 52 7.31 -37.77 -13.65
CA ILE E 52 8.07 -38.04 -12.43
C ILE E 52 7.76 -39.46 -11.95
N VAL E 53 6.47 -39.84 -11.99
CA VAL E 53 6.07 -41.17 -11.56
C VAL E 53 6.74 -42.19 -12.47
N ALA E 54 6.68 -41.95 -13.79
CA ALA E 54 7.26 -42.84 -14.78
C ALA E 54 8.76 -43.03 -14.55
N ALA E 55 9.48 -41.94 -14.24
CA ALA E 55 10.93 -42.02 -14.06
C ALA E 55 11.27 -43.00 -12.93
N GLY E 56 10.43 -43.07 -11.90
CA GLY E 56 10.73 -43.91 -10.74
C GLY E 56 10.27 -45.36 -10.94
N LYS E 57 9.45 -45.59 -11.97
CA LYS E 57 9.03 -46.92 -12.39
C LYS E 57 8.30 -47.66 -11.27
N THR E 58 7.65 -46.90 -10.40
CA THR E 58 6.89 -47.47 -9.29
C THR E 58 5.48 -46.93 -9.39
N PRO E 59 4.45 -47.80 -9.45
CA PRO E 59 3.09 -47.33 -9.56
C PRO E 59 2.67 -46.55 -8.32
N LEU E 60 1.65 -45.71 -8.48
CA LEU E 60 1.22 -44.80 -7.43
C LEU E 60 0.73 -45.56 -6.20
N ASP E 61 0.11 -46.73 -6.38
CA ASP E 61 -0.41 -47.46 -5.23
C ASP E 61 0.73 -47.92 -4.32
N GLU E 62 1.96 -47.95 -4.82
CA GLU E 62 3.14 -48.25 -4.01
C GLU E 62 3.87 -46.96 -3.65
N LEU E 63 4.03 -46.07 -4.63
CA LEU E 63 4.85 -44.87 -4.47
C LEU E 63 4.28 -43.97 -3.36
N LEU E 64 2.97 -43.74 -3.40
CA LEU E 64 2.35 -42.75 -2.52
C LEU E 64 2.48 -43.19 -1.07
N PRO E 65 2.21 -44.46 -0.67
CA PRO E 65 2.47 -44.83 0.72
C PRO E 65 3.94 -44.82 1.07
N ALA E 66 4.82 -45.09 0.10
CA ALA E 66 6.26 -45.02 0.39
C ALA E 66 6.66 -43.58 0.69
N LEU E 67 6.09 -42.62 -0.05
CA LEU E 67 6.45 -41.22 0.13
C LEU E 67 5.94 -40.75 1.49
N HIS E 68 4.73 -41.20 1.82
CA HIS E 68 4.11 -40.90 3.11
C HIS E 68 5.07 -41.33 4.22
N ASP E 69 5.64 -42.54 4.09
CA ASP E 69 6.55 -43.05 5.11
C ASP E 69 7.84 -42.22 5.12
N ALA E 70 8.38 -41.91 3.93
CA ALA E 70 9.63 -41.17 3.82
C ALA E 70 9.54 -39.79 4.50
N LEU E 71 8.32 -39.22 4.53
CA LEU E 71 8.13 -37.89 5.10
C LEU E 71 8.06 -37.98 6.62
N GLY E 72 7.98 -39.20 7.15
CA GLY E 72 7.80 -39.42 8.58
C GLY E 72 6.35 -39.70 8.95
N GLY E 73 5.57 -40.20 7.98
CA GLY E 73 4.19 -40.57 8.21
C GLY E 73 3.29 -39.35 8.36
N LYS E 74 3.52 -38.34 7.51
CA LYS E 74 2.77 -37.10 7.55
C LYS E 74 2.92 -36.45 6.19
N GLY E 75 2.42 -35.22 6.07
CA GLY E 75 2.61 -34.43 4.86
C GLY E 75 1.47 -34.62 3.86
N ARG E 76 1.45 -33.76 2.83
CA ARG E 76 0.43 -33.77 1.81
C ARG E 76 1.07 -34.24 0.50
N LEU E 77 0.39 -35.17 -0.21
CA LEU E 77 0.86 -35.65 -1.50
C LEU E 77 -0.05 -35.14 -2.61
N PHE E 78 0.53 -35.02 -3.80
CA PHE E 78 -0.17 -34.63 -5.00
C PHE E 78 0.10 -35.64 -6.08
N ALA E 79 -0.94 -36.00 -6.83
CA ALA E 79 -0.79 -36.91 -7.95
C ALA E 79 -1.83 -36.56 -9.01
N GLN E 80 -1.50 -36.82 -10.27
CA GLN E 80 -2.22 -36.25 -11.40
C GLN E 80 -3.07 -37.33 -12.07
N VAL E 81 -4.27 -36.93 -12.52
CA VAL E 81 -5.13 -37.78 -13.32
C VAL E 81 -4.50 -37.95 -14.71
N MET E 82 -4.88 -39.05 -15.38
CA MET E 82 -4.39 -39.36 -16.72
C MET E 82 -5.52 -39.32 -17.75
N ALA E 83 -6.78 -39.45 -17.31
CA ALA E 83 -7.92 -39.53 -18.23
C ALA E 83 -8.07 -38.24 -19.04
N THR E 84 -8.83 -38.30 -20.14
CA THR E 84 -8.93 -37.15 -21.04
C THR E 84 -10.36 -36.61 -21.07
N THR E 85 -11.32 -37.32 -20.46
CA THR E 85 -12.66 -36.78 -20.27
C THR E 85 -12.85 -36.39 -18.80
N ALA E 86 -13.78 -35.44 -18.56
CA ALA E 86 -14.07 -34.99 -17.22
C ALA E 86 -14.53 -36.17 -16.36
N GLU E 87 -15.41 -37.00 -16.93
CA GLU E 87 -15.94 -38.14 -16.22
C GLU E 87 -14.79 -39.09 -15.85
N GLY E 88 -13.86 -39.30 -16.79
CA GLY E 88 -12.73 -40.20 -16.57
C GLY E 88 -11.79 -39.62 -15.50
N MET E 89 -11.63 -38.29 -15.53
CA MET E 89 -10.78 -37.62 -14.56
C MET E 89 -11.34 -37.74 -13.15
N VAL E 90 -12.67 -37.64 -13.01
CA VAL E 90 -13.32 -37.82 -11.73
C VAL E 90 -13.10 -39.24 -11.22
N GLU E 91 -13.17 -40.22 -12.13
CA GLU E 91 -12.90 -41.62 -11.78
C GLU E 91 -11.47 -41.78 -11.27
N ASP E 92 -10.51 -41.17 -11.99
CA ASP E 92 -9.11 -41.21 -11.59
C ASP E 92 -8.93 -40.58 -10.20
N ALA E 93 -9.60 -39.43 -9.97
CA ALA E 93 -9.49 -38.70 -8.72
C ALA E 93 -9.91 -39.57 -7.55
N ARG E 94 -11.02 -40.29 -7.73
CA ARG E 94 -11.51 -41.19 -6.70
C ARG E 94 -10.50 -42.30 -6.42
N LYS E 95 -9.91 -42.88 -7.49
CA LYS E 95 -8.90 -43.92 -7.34
C LYS E 95 -7.72 -43.39 -6.53
N LEU E 96 -7.26 -42.18 -6.87
CA LEU E 96 -6.12 -41.59 -6.19
C LEU E 96 -6.42 -41.36 -4.71
N ARG E 97 -7.61 -40.82 -4.40
CA ARG E 97 -7.97 -40.47 -3.04
C ARG E 97 -8.12 -41.73 -2.20
N ALA E 98 -8.39 -42.86 -2.86
CA ALA E 98 -8.53 -44.13 -2.15
C ALA E 98 -7.16 -44.67 -1.73
N ILE E 99 -6.10 -44.24 -2.42
CA ILE E 99 -4.76 -44.74 -2.13
C ILE E 99 -4.29 -44.17 -0.79
N ILE E 100 -4.52 -42.87 -0.56
CA ILE E 100 -4.00 -42.27 0.66
C ILE E 100 -4.83 -41.06 1.03
N ASN E 101 -4.86 -40.75 2.34
CA ASN E 101 -5.76 -39.76 2.92
C ASN E 101 -5.42 -38.35 2.45
N ASP E 102 -4.21 -37.84 2.76
CA ASP E 102 -3.89 -36.45 2.54
C ASP E 102 -3.35 -36.29 1.11
N LEU E 103 -4.28 -36.30 0.15
CA LEU E 103 -3.96 -36.36 -1.27
C LEU E 103 -4.78 -35.31 -2.01
N VAL E 104 -4.08 -34.43 -2.72
CA VAL E 104 -4.73 -33.46 -3.58
C VAL E 104 -4.54 -33.92 -5.02
N VAL E 105 -5.63 -33.86 -5.79
CA VAL E 105 -5.65 -34.34 -7.15
C VAL E 105 -5.27 -33.21 -8.11
N LYS E 106 -4.25 -33.48 -8.92
CA LYS E 106 -3.80 -32.58 -9.97
C LYS E 106 -4.62 -32.85 -11.22
N VAL E 107 -5.22 -31.77 -11.76
CA VAL E 107 -6.03 -31.82 -12.96
C VAL E 107 -5.46 -30.83 -13.97
N PRO E 108 -5.08 -31.27 -15.17
CA PRO E 108 -4.64 -30.32 -16.19
C PRO E 108 -5.72 -29.33 -16.56
N VAL E 109 -5.36 -28.04 -16.70
CA VAL E 109 -6.34 -27.01 -16.92
C VAL E 109 -6.62 -26.87 -18.42
N THR E 110 -7.50 -27.77 -18.86
CA THR E 110 -7.98 -27.90 -20.21
C THR E 110 -9.50 -27.73 -20.16
N VAL E 111 -10.15 -27.88 -21.32
CA VAL E 111 -11.61 -27.82 -21.37
C VAL E 111 -12.19 -28.89 -20.45
N GLU E 112 -11.79 -30.15 -20.65
CA GLU E 112 -12.33 -31.24 -19.83
C GLU E 112 -11.83 -31.13 -18.39
N GLY E 113 -10.60 -30.62 -18.22
CA GLY E 113 -10.03 -30.51 -16.89
C GLY E 113 -10.79 -29.50 -16.03
N LEU E 114 -11.20 -28.38 -16.62
CA LEU E 114 -11.99 -27.40 -15.90
C LEU E 114 -13.33 -28.01 -15.48
N ALA E 115 -13.96 -28.75 -16.41
CA ALA E 115 -15.22 -29.39 -16.09
C ALA E 115 -15.05 -30.36 -14.92
N ALA E 116 -13.93 -31.08 -14.91
CA ALA E 116 -13.63 -32.03 -13.85
C ALA E 116 -13.43 -31.32 -12.52
N ILE E 117 -12.71 -30.18 -12.57
CA ILE E 117 -12.45 -29.42 -11.36
C ILE E 117 -13.77 -28.95 -10.72
N LYS E 118 -14.74 -28.56 -11.56
CA LYS E 118 -16.04 -28.17 -11.03
C LYS E 118 -16.73 -29.36 -10.37
N MET E 119 -16.71 -30.52 -11.04
CA MET E 119 -17.34 -31.72 -10.49
C MET E 119 -16.68 -32.12 -9.18
N LEU E 120 -15.34 -32.02 -9.13
CA LEU E 120 -14.61 -32.44 -7.94
C LEU E 120 -14.89 -31.49 -6.78
N LYS E 121 -15.07 -30.21 -7.07
CA LYS E 121 -15.48 -29.24 -6.05
C LYS E 121 -16.81 -29.69 -5.44
N ALA E 122 -17.79 -30.03 -6.29
CA ALA E 122 -19.10 -30.41 -5.80
C ALA E 122 -19.01 -31.65 -4.90
N GLU E 123 -18.04 -32.53 -5.20
CA GLU E 123 -17.88 -33.81 -4.50
C GLU E 123 -16.95 -33.69 -3.29
N GLY E 124 -16.24 -32.56 -3.15
CA GLY E 124 -15.47 -32.30 -1.96
C GLY E 124 -14.09 -32.94 -2.03
N ILE E 125 -13.61 -33.21 -3.26
CA ILE E 125 -12.25 -33.69 -3.46
C ILE E 125 -11.36 -32.50 -3.82
N PRO E 126 -10.32 -32.20 -3.01
CA PRO E 126 -9.43 -31.07 -3.29
C PRO E 126 -8.60 -31.26 -4.56
N THR E 127 -8.39 -30.17 -5.31
CA THR E 127 -7.72 -30.24 -6.59
C THR E 127 -6.64 -29.17 -6.67
N LEU E 128 -5.71 -29.42 -7.58
CA LEU E 128 -4.73 -28.45 -8.04
C LEU E 128 -4.88 -28.35 -9.54
N GLY E 129 -4.91 -27.12 -10.07
CA GLY E 129 -4.91 -26.93 -11.51
C GLY E 129 -3.50 -26.92 -12.07
N THR E 130 -3.16 -27.92 -12.88
CA THR E 130 -1.79 -28.09 -13.34
C THR E 130 -1.70 -27.84 -14.83
N ALA E 131 -0.45 -27.87 -15.32
CA ALA E 131 -0.09 -27.58 -16.69
C ALA E 131 -0.57 -26.18 -17.06
N VAL E 132 -0.29 -25.22 -16.17
CA VAL E 132 -0.69 -23.84 -16.37
C VAL E 132 0.48 -23.09 -16.99
N TYR E 133 0.20 -22.50 -18.17
CA TYR E 133 1.19 -21.78 -18.95
C TYR E 133 0.80 -20.31 -19.09
N GLY E 134 -0.35 -19.94 -18.51
CA GLY E 134 -0.78 -18.55 -18.53
C GLY E 134 -1.63 -18.20 -17.31
N ALA E 135 -1.65 -16.90 -16.99
CA ALA E 135 -2.27 -16.43 -15.77
C ALA E 135 -3.79 -16.63 -15.80
N ALA E 136 -4.44 -16.27 -16.91
CA ALA E 136 -5.90 -16.37 -17.02
C ALA E 136 -6.35 -17.83 -16.88
N GLN E 137 -5.68 -18.73 -17.59
CA GLN E 137 -5.94 -20.15 -17.52
C GLN E 137 -5.86 -20.62 -16.07
N GLY E 138 -4.81 -20.17 -15.37
CA GLY E 138 -4.63 -20.54 -13.97
C GLY E 138 -5.77 -20.02 -13.10
N MET E 139 -6.11 -18.73 -13.27
CA MET E 139 -7.20 -18.13 -12.50
C MET E 139 -8.50 -18.90 -12.73
N LEU E 140 -8.81 -19.29 -13.98
CA LEU E 140 -10.03 -20.03 -14.25
C LEU E 140 -10.09 -21.31 -13.42
N SER E 141 -8.95 -21.99 -13.21
CA SER E 141 -8.96 -23.24 -12.45
C SER E 141 -9.27 -22.99 -10.98
N ALA E 142 -8.77 -21.87 -10.43
CA ALA E 142 -9.11 -21.47 -9.07
C ALA E 142 -10.61 -21.20 -8.95
N LEU E 143 -11.15 -20.41 -9.89
CA LEU E 143 -12.56 -20.04 -9.85
C LEU E 143 -13.43 -21.28 -9.94
N ALA E 144 -12.95 -22.28 -10.69
CA ALA E 144 -13.69 -23.52 -10.87
C ALA E 144 -13.67 -24.38 -9.59
N GLY E 145 -12.71 -24.12 -8.70
CA GLY E 145 -12.66 -24.81 -7.40
C GLY E 145 -11.27 -25.25 -6.94
N ALA E 146 -10.24 -25.15 -7.79
CA ALA E 146 -8.92 -25.64 -7.40
C ALA E 146 -8.38 -24.82 -6.23
N GLU E 147 -7.87 -25.54 -5.22
CA GLU E 147 -7.25 -25.00 -4.03
C GLU E 147 -5.84 -24.50 -4.35
N TYR E 148 -5.19 -25.12 -5.34
CA TYR E 148 -3.84 -24.73 -5.75
C TYR E 148 -3.85 -24.58 -7.27
N VAL E 149 -2.97 -23.69 -7.76
CA VAL E 149 -2.72 -23.53 -9.18
C VAL E 149 -1.22 -23.61 -9.40
N ALA E 150 -0.79 -24.50 -10.29
CA ALA E 150 0.63 -24.76 -10.51
C ALA E 150 1.07 -24.29 -11.89
N PRO E 151 1.61 -23.06 -12.02
CA PRO E 151 2.25 -22.66 -13.27
C PRO E 151 3.57 -23.39 -13.49
N TYR E 152 3.85 -23.70 -14.77
CA TYR E 152 5.08 -24.37 -15.16
C TYR E 152 6.10 -23.32 -15.55
N VAL E 153 6.77 -22.75 -14.53
CA VAL E 153 7.63 -21.59 -14.67
C VAL E 153 8.69 -21.83 -15.73
N ASN E 154 9.52 -22.88 -15.57
CA ASN E 154 10.64 -23.06 -16.49
C ASN E 154 10.13 -23.37 -17.89
N ARG E 155 9.00 -24.08 -18.02
CA ARG E 155 8.49 -24.41 -19.35
C ARG E 155 8.08 -23.15 -20.09
N VAL E 156 7.50 -22.18 -19.37
CA VAL E 156 7.18 -20.90 -19.97
C VAL E 156 8.45 -20.16 -20.38
N ASP E 157 9.48 -20.14 -19.51
CA ASP E 157 10.78 -19.57 -19.84
C ASP E 157 11.41 -20.27 -21.06
N ALA E 158 11.36 -21.60 -21.08
CA ALA E 158 12.01 -22.42 -22.10
C ALA E 158 11.45 -22.14 -23.48
N GLN E 159 10.15 -21.80 -23.55
CA GLN E 159 9.46 -21.67 -24.84
C GLN E 159 9.35 -20.20 -25.26
N GLY E 160 10.21 -19.34 -24.70
CA GLY E 160 10.38 -17.97 -25.17
C GLY E 160 9.42 -16.97 -24.52
N GLY E 161 8.77 -17.38 -23.43
CA GLY E 161 7.94 -16.50 -22.64
C GLY E 161 8.67 -15.99 -21.41
N ASP E 162 7.88 -15.52 -20.43
CA ASP E 162 8.43 -14.94 -19.22
C ASP E 162 7.74 -15.58 -18.04
N GLY E 163 8.33 -16.67 -17.55
CA GLY E 163 7.68 -17.49 -16.55
C GLY E 163 7.40 -16.72 -15.26
N ILE E 164 8.37 -15.91 -14.83
CA ILE E 164 8.21 -15.14 -13.59
C ILE E 164 7.11 -14.10 -13.79
N GLN E 165 7.05 -13.43 -14.94
CA GLN E 165 5.96 -12.49 -15.20
C GLN E 165 4.61 -13.20 -15.13
N THR E 166 4.53 -14.43 -15.67
CA THR E 166 3.31 -15.21 -15.67
C THR E 166 2.89 -15.51 -14.22
N VAL E 167 3.89 -15.81 -13.36
CA VAL E 167 3.62 -16.09 -11.95
C VAL E 167 3.12 -14.83 -11.27
N ILE E 168 3.78 -13.70 -11.53
CA ILE E 168 3.39 -12.44 -10.91
C ILE E 168 1.94 -12.13 -11.28
N GLU E 169 1.58 -12.35 -12.55
CA GLU E 169 0.22 -12.06 -12.99
C GLU E 169 -0.76 -13.02 -12.36
N LEU E 170 -0.39 -14.31 -12.32
CA LEU E 170 -1.26 -15.30 -11.73
C LEU E 170 -1.52 -14.98 -10.25
N GLN E 171 -0.44 -14.68 -9.51
CA GLN E 171 -0.58 -14.40 -8.08
C GLN E 171 -1.48 -13.18 -7.88
N GLN E 172 -1.31 -12.17 -8.74
CA GLN E 172 -2.16 -10.98 -8.68
C GLN E 172 -3.64 -11.36 -8.89
N LEU E 173 -3.91 -12.22 -9.89
CA LEU E 173 -5.27 -12.65 -10.17
C LEU E 173 -5.87 -13.40 -8.97
N LEU E 174 -5.09 -14.29 -8.33
CA LEU E 174 -5.66 -15.03 -7.21
C LEU E 174 -5.91 -14.07 -6.04
N THR E 175 -4.94 -13.19 -5.76
CA THR E 175 -5.07 -12.25 -4.66
C THR E 175 -6.33 -11.40 -4.84
N LEU E 176 -6.59 -10.97 -6.07
CA LEU E 176 -7.69 -10.08 -6.37
C LEU E 176 -9.01 -10.85 -6.38
N HIS E 177 -9.01 -12.06 -6.96
CA HIS E 177 -10.24 -12.65 -7.49
C HIS E 177 -10.53 -14.02 -6.88
N ALA E 178 -9.53 -14.69 -6.29
CA ALA E 178 -9.73 -16.04 -5.76
C ALA E 178 -8.78 -16.29 -4.58
N PRO E 179 -8.89 -15.46 -3.52
CA PRO E 179 -7.83 -15.37 -2.52
C PRO E 179 -7.68 -16.61 -1.63
N GLN E 180 -8.68 -17.49 -1.63
CA GLN E 180 -8.59 -18.77 -0.93
C GLN E 180 -7.73 -19.78 -1.70
N SER E 181 -7.41 -19.53 -2.98
CA SER E 181 -6.56 -20.43 -3.73
C SER E 181 -5.12 -19.96 -3.64
N LYS E 182 -4.18 -20.91 -3.72
CA LYS E 182 -2.76 -20.63 -3.63
C LYS E 182 -2.10 -20.90 -4.97
N VAL E 183 -1.02 -20.15 -5.26
CA VAL E 183 -0.07 -20.57 -6.29
C VAL E 183 0.87 -21.62 -5.68
N LEU E 184 0.99 -22.76 -6.38
CA LEU E 184 2.03 -23.74 -6.12
C LEU E 184 3.00 -23.71 -7.30
N ALA E 185 4.04 -22.88 -7.19
CA ALA E 185 4.96 -22.68 -8.30
C ALA E 185 5.76 -23.97 -8.52
N ALA E 186 6.00 -24.32 -9.80
CA ALA E 186 6.65 -25.55 -10.17
C ALA E 186 7.48 -25.33 -11.43
N SER E 187 8.34 -26.30 -11.72
CA SER E 187 9.15 -26.36 -12.94
C SER E 187 10.31 -25.37 -12.85
N PHE E 188 11.45 -25.84 -12.31
CA PHE E 188 12.59 -24.99 -12.04
C PHE E 188 13.86 -25.62 -12.60
N LYS E 189 14.72 -24.78 -13.18
CA LYS E 189 16.07 -25.18 -13.51
C LYS E 189 17.12 -24.42 -12.69
N THR E 190 16.73 -23.33 -12.03
CA THR E 190 17.71 -22.57 -11.27
C THR E 190 17.06 -21.98 -10.04
N PRO E 191 17.81 -21.90 -8.92
CA PRO E 191 17.32 -21.27 -7.70
C PRO E 191 16.70 -19.90 -7.90
N ARG E 192 17.23 -19.12 -8.86
CA ARG E 192 16.75 -17.76 -9.05
C ARG E 192 15.29 -17.76 -9.45
N GLN E 193 14.87 -18.76 -10.24
CA GLN E 193 13.48 -18.85 -10.63
C GLN E 193 12.60 -19.06 -9.40
N ALA E 194 13.02 -20.00 -8.54
CA ALA E 194 12.25 -20.32 -7.35
C ALA E 194 12.21 -19.13 -6.40
N LEU E 195 13.36 -18.47 -6.21
CA LEU E 195 13.41 -17.27 -5.37
C LEU E 195 12.41 -16.24 -5.88
N ASP E 196 12.46 -15.95 -7.20
CA ASP E 196 11.61 -14.94 -7.80
C ASP E 196 10.13 -15.27 -7.59
N CYS E 197 9.76 -16.56 -7.60
CA CYS E 197 8.39 -16.98 -7.33
C CYS E 197 8.02 -16.68 -5.88
N LEU E 198 8.95 -16.99 -4.97
CA LEU E 198 8.71 -16.71 -3.55
C LEU E 198 8.59 -15.21 -3.29
N LEU E 199 9.36 -14.39 -3.99
CA LEU E 199 9.31 -12.95 -3.78
C LEU E 199 7.99 -12.38 -4.33
N ALA E 200 7.43 -13.04 -5.36
CA ALA E 200 6.17 -12.64 -5.96
C ALA E 200 4.98 -12.97 -5.04
N GLY E 201 5.22 -13.77 -3.99
CA GLY E 201 4.20 -14.02 -2.99
C GLY E 201 3.57 -15.41 -3.05
N CYS E 202 4.09 -16.32 -3.89
CA CYS E 202 3.53 -17.66 -3.97
C CYS E 202 3.55 -18.31 -2.60
N GLU E 203 2.42 -18.90 -2.19
CA GLU E 203 2.30 -19.41 -0.82
C GLU E 203 2.70 -20.89 -0.73
N SER E 204 3.00 -21.50 -1.88
CA SER E 204 3.52 -22.86 -1.91
C SER E 204 4.45 -23.01 -3.12
N ILE E 205 5.36 -23.99 -3.05
CA ILE E 205 6.34 -24.18 -4.10
C ILE E 205 6.77 -25.63 -4.08
N THR E 206 7.11 -26.19 -5.25
CA THR E 206 7.64 -27.53 -5.29
C THR E 206 8.95 -27.52 -6.07
N LEU E 207 10.01 -28.04 -5.44
CA LEU E 207 11.35 -27.93 -5.95
C LEU E 207 11.81 -29.30 -6.44
N PRO E 208 12.48 -29.36 -7.60
CA PRO E 208 13.26 -30.55 -7.92
C PRO E 208 14.44 -30.67 -6.97
N LEU E 209 14.96 -31.89 -6.83
CA LEU E 209 16.01 -32.15 -5.84
C LEU E 209 17.24 -31.30 -6.09
N ASP E 210 17.64 -31.11 -7.36
CA ASP E 210 18.88 -30.41 -7.66
C ASP E 210 18.78 -28.95 -7.21
N VAL E 211 17.65 -28.29 -7.52
CA VAL E 211 17.50 -26.90 -7.13
C VAL E 211 17.40 -26.80 -5.60
N ALA E 212 16.63 -27.69 -4.96
CA ALA E 212 16.50 -27.69 -3.51
C ALA E 212 17.88 -27.70 -2.86
N GLN E 213 18.75 -28.56 -3.37
CA GLN E 213 20.08 -28.74 -2.77
C GLN E 213 20.95 -27.53 -3.04
N GLN E 214 20.75 -26.88 -4.19
CA GLN E 214 21.55 -25.71 -4.50
C GLN E 214 21.28 -24.58 -3.52
N PHE E 215 20.05 -24.51 -2.98
CA PHE E 215 19.69 -23.47 -2.04
C PHE E 215 20.59 -23.56 -0.80
N ILE E 216 21.06 -24.77 -0.48
CA ILE E 216 21.72 -25.02 0.80
C ILE E 216 23.16 -25.50 0.57
N THR E 217 23.70 -25.20 -0.62
CA THR E 217 25.09 -25.46 -0.98
C THR E 217 25.72 -24.15 -1.41
N SER E 218 26.83 -23.77 -0.78
CA SER E 218 27.43 -22.47 -1.06
C SER E 218 28.93 -22.54 -0.81
N PRO E 219 29.76 -22.13 -1.79
CA PRO E 219 31.18 -21.97 -1.51
C PRO E 219 31.49 -20.85 -0.52
N ALA E 220 30.67 -19.79 -0.54
CA ALA E 220 30.88 -18.65 0.35
C ALA E 220 30.63 -19.07 1.79
N VAL E 221 29.51 -19.78 2.01
CA VAL E 221 29.17 -20.25 3.35
C VAL E 221 30.27 -21.20 3.85
N ASP E 222 30.70 -22.15 3.02
CA ASP E 222 31.68 -23.13 3.45
C ASP E 222 32.97 -22.43 3.86
N ALA E 223 33.38 -21.42 3.08
CA ALA E 223 34.60 -20.67 3.34
C ALA E 223 34.49 -19.88 4.64
N ALA E 224 33.30 -19.34 4.91
CA ALA E 224 33.09 -18.56 6.13
C ALA E 224 33.32 -19.48 7.33
N ILE E 225 32.80 -20.70 7.24
CA ILE E 225 32.89 -21.64 8.34
C ILE E 225 34.35 -22.06 8.57
N VAL E 226 35.07 -22.37 7.49
CA VAL E 226 36.49 -22.70 7.56
C VAL E 226 37.26 -21.58 8.27
N LYS E 227 36.96 -20.32 7.94
CA LYS E 227 37.67 -19.20 8.53
C LYS E 227 37.34 -19.07 10.01
N PHE E 228 36.07 -19.26 10.39
CA PHE E 228 35.70 -19.26 11.80
C PHE E 228 36.51 -20.31 12.56
N GLU E 229 36.59 -21.53 11.98
CA GLU E 229 37.33 -22.62 12.62
C GLU E 229 38.79 -22.24 12.81
N GLN E 230 39.43 -21.68 11.77
CA GLN E 230 40.83 -21.29 11.86
C GLN E 230 41.04 -20.22 12.94
N ASP E 231 40.15 -19.23 13.00
CA ASP E 231 40.30 -18.17 13.97
C ASP E 231 40.20 -18.79 15.38
N TRP E 232 39.21 -19.66 15.57
CA TRP E 232 38.96 -20.30 16.84
C TRP E 232 40.19 -21.12 17.28
N GLN E 233 40.75 -21.90 16.35
CA GLN E 233 41.92 -22.72 16.64
C GLN E 233 43.10 -21.85 17.02
N GLY E 234 43.28 -20.74 16.29
CA GLY E 234 44.32 -19.76 16.54
C GLY E 234 44.29 -19.19 17.97
N ALA E 235 43.08 -18.99 18.52
CA ALA E 235 42.91 -18.38 19.82
C ALA E 235 42.94 -19.40 20.95
N PHE E 236 42.40 -20.61 20.71
CA PHE E 236 42.08 -21.53 21.79
C PHE E 236 42.76 -22.88 21.64
N GLY E 237 43.40 -23.14 20.49
CA GLY E 237 44.14 -24.37 20.27
C GLY E 237 43.26 -25.60 20.08
N ARG E 238 41.99 -25.39 19.73
CA ARG E 238 41.03 -26.47 19.52
C ARG E 238 39.96 -25.97 18.53
N THR E 239 39.16 -26.86 17.95
CA THR E 239 38.12 -26.41 17.04
C THR E 239 36.75 -26.59 17.67
N SER E 240 36.71 -26.83 18.98
CA SER E 240 35.44 -27.09 19.67
C SER E 240 35.20 -26.06 20.76
N ILE E 241 33.94 -25.95 21.20
CA ILE E 241 33.60 -25.20 22.39
C ILE E 241 34.20 -25.90 23.63
#